data_1OC2
#
_entry.id   1OC2
#
_cell.length_a   61.410
_cell.length_b   94.829
_cell.length_c   183.543
_cell.angle_alpha   90.00
_cell.angle_beta   90.00
_cell.angle_gamma   90.00
#
_symmetry.space_group_name_H-M   'P 21 21 21'
#
loop_
_entity.id
_entity.type
_entity.pdbx_description
1 polymer 'DTDP-GLUCOSE 4,6-DEHYDRATASE'
2 non-polymer "THYMIDINE-5'-DIPHOSPHO-BETA-D-XYLOSE"
3 non-polymer NICOTINAMIDE-ADENINE-DINUCLEOTIDE
4 non-polymer 'SULFATE ION'
5 water water
#
_entity_poly.entity_id   1
_entity_poly.type   'polypeptide(L)'
_entity_poly.pdbx_seq_one_letter_code
;MSQFKNIIVTGGAGFIGSNFVHYVYNNHPDVHVTVLDKLTYAGNKANLEAILGDRVELVVGDIADAELVDKLAAKADAIV
HYAAESHNDNSLNDPSPFIHTNFIGTYTLLEAARKYDIRFHHVSTDEVYGDLPLREDLPGHGEGPGEKFTAETNYNPSSP
YSSTKAASDLIVKAWVRSFGVKATISNCSNNYGPYQHIEKFIPRQITNILAGIKPKLYGEGKNVRDWIHTNDHSTGVWAI
LTKGRMGETYLIGADGEKNNKEVLELILEKMGQPKDAYDHVTDRAGHDLRYAIDASKLRDELGWTPQFTDFSEGLEETIQ
WYTDNQDWWKAEKEAVEANYAKTQEVIK
;
_entity_poly.pdbx_strand_id   A,B
#
# COMPACT_ATOMS: atom_id res chain seq x y z
N GLN A 3 -25.16 -11.63 -14.91
CA GLN A 3 -24.11 -12.61 -14.86
C GLN A 3 -23.73 -13.07 -13.43
N PHE A 4 -24.26 -12.41 -12.39
CA PHE A 4 -24.11 -12.86 -10.99
C PHE A 4 -25.46 -12.91 -10.31
N LYS A 5 -25.72 -13.92 -9.54
CA LYS A 5 -27.03 -14.12 -8.94
C LYS A 5 -27.05 -13.96 -7.42
N ASN A 6 -25.89 -14.00 -6.79
CA ASN A 6 -25.79 -14.04 -5.32
C ASN A 6 -24.54 -13.27 -4.96
N ILE A 7 -24.69 -11.97 -4.77
CA ILE A 7 -23.53 -11.12 -4.53
C ILE A 7 -23.47 -10.72 -3.05
N ILE A 8 -22.27 -10.51 -2.55
CA ILE A 8 -22.06 -9.91 -1.25
C ILE A 8 -21.64 -8.49 -1.50
N VAL A 9 -22.31 -7.53 -0.86
CA VAL A 9 -21.90 -6.15 -0.90
C VAL A 9 -21.40 -5.80 0.48
N THR A 10 -20.08 -5.61 0.62
CA THR A 10 -19.57 -5.22 1.94
C THR A 10 -19.82 -3.76 2.10
N GLY A 11 -20.04 -3.27 3.34
CA GLY A 11 -20.24 -1.87 3.55
C GLY A 11 -21.51 -1.32 2.93
N GLY A 12 -22.48 -2.18 2.66
CA GLY A 12 -23.70 -1.77 1.99
C GLY A 12 -24.71 -1.08 2.87
N ALA A 13 -24.42 -0.87 4.17
CA ALA A 13 -25.23 -0.01 5.00
C ALA A 13 -24.71 1.43 5.07
N GLY A 14 -23.64 1.74 4.35
CA GLY A 14 -23.11 3.10 4.32
C GLY A 14 -23.62 3.86 3.13
N PHE A 15 -22.96 4.98 2.83
CA PHE A 15 -23.46 5.89 1.80
C PHE A 15 -23.51 5.29 0.40
N ILE A 16 -22.34 5.14 -0.20
CA ILE A 16 -22.19 4.66 -1.58
C ILE A 16 -22.65 3.21 -1.74
N GLY A 17 -22.34 2.36 -0.74
CA GLY A 17 -22.71 0.97 -0.74
C GLY A 17 -24.22 0.80 -0.71
N SER A 18 -24.89 1.56 0.15
CA SER A 18 -26.35 1.46 0.18
C SER A 18 -26.99 1.89 -1.11
N ASN A 19 -26.44 2.94 -1.71
CA ASN A 19 -26.91 3.39 -3.01
C ASN A 19 -26.78 2.28 -4.08
N PHE A 20 -25.66 1.58 -4.07
CA PHE A 20 -25.47 0.43 -4.94
C PHE A 20 -26.50 -0.66 -4.68
N VAL A 21 -26.72 -0.96 -3.41
CA VAL A 21 -27.72 -1.97 -3.07
C VAL A 21 -29.10 -1.55 -3.62
N HIS A 22 -29.47 -0.29 -3.47
CA HIS A 22 -30.73 0.19 -3.99
C HIS A 22 -30.78 0.02 -5.51
N TYR A 23 -29.65 0.33 -6.15
CA TYR A 23 -29.52 0.18 -7.57
C TYR A 23 -29.80 -1.26 -7.98
N VAL A 24 -29.20 -2.24 -7.28
CA VAL A 24 -29.39 -3.63 -7.64
C VAL A 24 -30.84 -4.06 -7.39
N TYR A 25 -31.38 -3.67 -6.22
CA TYR A 25 -32.77 -3.90 -5.86
C TYR A 25 -33.75 -3.44 -6.94
N ASN A 26 -33.52 -2.24 -7.42
CA ASN A 26 -34.36 -1.59 -8.44
C ASN A 26 -34.20 -2.23 -9.82
N ASN A 27 -32.97 -2.35 -10.26
CA ASN A 27 -32.67 -2.63 -11.65
C ASN A 27 -32.36 -4.06 -12.00
N HIS A 28 -32.04 -4.85 -11.01
CA HIS A 28 -31.67 -6.23 -11.20
C HIS A 28 -32.32 -7.10 -10.13
N PRO A 29 -33.65 -7.16 -10.17
CA PRO A 29 -34.39 -7.83 -9.09
C PRO A 29 -34.21 -9.35 -9.05
N ASP A 30 -33.54 -9.90 -10.05
CA ASP A 30 -33.15 -11.31 -10.09
C ASP A 30 -31.87 -11.63 -9.28
N VAL A 31 -31.21 -10.61 -8.78
CA VAL A 31 -29.96 -10.77 -8.04
C VAL A 31 -30.27 -10.76 -6.57
N HIS A 32 -29.68 -11.69 -5.82
CA HIS A 32 -29.79 -11.66 -4.41
C HIS A 32 -28.53 -10.94 -3.83
N VAL A 33 -28.72 -10.03 -2.92
CA VAL A 33 -27.62 -9.31 -2.32
C VAL A 33 -27.57 -9.61 -0.86
N THR A 34 -26.39 -9.98 -0.37
CA THR A 34 -26.15 -10.10 1.04
C THR A 34 -25.23 -8.96 1.42
N VAL A 35 -25.69 -8.07 2.25
CA VAL A 35 -24.89 -6.93 2.69
C VAL A 35 -24.15 -7.41 3.94
N LEU A 36 -22.83 -7.21 3.96
CA LEU A 36 -22.02 -7.51 5.16
C LEU A 36 -21.52 -6.15 5.66
N ASP A 37 -22.00 -5.74 6.82
CA ASP A 37 -21.70 -4.41 7.33
C ASP A 37 -21.62 -4.47 8.84
N LYS A 38 -20.59 -3.84 9.37
CA LYS A 38 -20.31 -3.86 10.80
C LYS A 38 -21.19 -2.88 11.59
N LEU A 39 -21.86 -1.98 10.90
CA LEU A 39 -22.62 -0.89 11.53
C LEU A 39 -21.74 -0.14 12.51
N THR A 40 -20.67 0.45 11.96
CA THR A 40 -19.93 1.48 12.65
C THR A 40 -20.78 2.75 12.74
N TYR A 41 -20.17 3.84 13.22
CA TYR A 41 -20.82 5.12 13.31
C TYR A 41 -21.43 5.46 11.92
N ALA A 42 -20.79 4.97 10.86
CA ALA A 42 -21.23 5.31 9.52
C ALA A 42 -22.24 4.37 8.93
N GLY A 43 -22.48 3.23 9.53
CA GLY A 43 -23.43 2.27 8.98
C GLY A 43 -24.79 2.53 9.57
N ASN A 44 -25.84 2.39 8.77
CA ASN A 44 -27.13 2.84 9.21
C ASN A 44 -28.15 1.87 8.66
N LYS A 45 -28.78 1.10 9.54
CA LYS A 45 -29.86 0.23 9.08
C LYS A 45 -30.93 0.99 8.30
N ALA A 46 -31.17 2.29 8.58
CA ALA A 46 -32.22 3.04 7.87
C ALA A 46 -31.92 3.17 6.37
N ASN A 47 -30.66 3.03 5.99
CA ASN A 47 -30.28 3.10 4.61
C ASN A 47 -30.77 1.93 3.81
N LEU A 48 -31.11 0.84 4.50
CA LEU A 48 -31.59 -0.37 3.83
C LEU A 48 -32.96 -0.89 4.26
N GLU A 49 -33.44 -0.44 5.42
CA GLU A 49 -34.59 -1.07 6.07
C GLU A 49 -35.78 -1.29 5.18
N ALA A 50 -36.06 -0.30 4.32
CA ALA A 50 -37.28 -0.36 3.49
C ALA A 50 -37.19 -1.42 2.36
N ILE A 51 -35.96 -1.79 1.99
CA ILE A 51 -35.74 -2.75 0.89
C ILE A 51 -35.24 -4.13 1.30
N LEU A 52 -35.15 -4.37 2.61
CA LEU A 52 -34.80 -5.72 3.08
C LEU A 52 -35.95 -6.65 2.77
N GLY A 53 -35.60 -7.86 2.30
CA GLY A 53 -36.56 -8.88 1.95
C GLY A 53 -35.88 -9.99 1.19
N ASP A 54 -36.56 -10.53 0.20
CA ASP A 54 -36.02 -11.68 -0.51
C ASP A 54 -34.84 -11.32 -1.44
N ARG A 55 -34.75 -10.08 -1.89
CA ARG A 55 -33.67 -9.64 -2.72
C ARG A 55 -32.45 -9.22 -1.87
N VAL A 56 -32.68 -8.63 -0.70
CA VAL A 56 -31.61 -8.01 0.09
C VAL A 56 -31.67 -8.45 1.52
N GLU A 57 -30.56 -9.03 1.99
CA GLU A 57 -30.44 -9.38 3.37
C GLU A 57 -29.23 -8.63 4.00
N LEU A 58 -29.33 -8.26 5.27
CA LEU A 58 -28.26 -7.64 5.99
C LEU A 58 -27.69 -8.65 6.98
N VAL A 59 -26.37 -8.86 6.91
CA VAL A 59 -25.60 -9.60 7.90
C VAL A 59 -24.67 -8.60 8.60
N VAL A 60 -24.84 -8.46 9.91
CA VAL A 60 -24.02 -7.60 10.69
C VAL A 60 -22.74 -8.31 11.11
N GLY A 61 -21.61 -7.76 10.70
CA GLY A 61 -20.32 -8.34 11.01
C GLY A 61 -19.18 -7.57 10.34
N ASP A 62 -17.98 -8.03 10.60
CA ASP A 62 -16.73 -7.38 10.24
C ASP A 62 -16.15 -8.11 9.06
N ILE A 63 -15.69 -7.40 8.06
CA ILE A 63 -14.99 -8.00 6.94
C ILE A 63 -13.66 -8.68 7.35
N ALA A 64 -13.13 -8.35 8.51
CA ALA A 64 -11.93 -8.98 9.03
C ALA A 64 -12.25 -10.24 9.84
N ASP A 65 -13.52 -10.60 9.98
CA ASP A 65 -13.93 -11.84 10.69
C ASP A 65 -13.88 -12.94 9.67
N ALA A 66 -12.75 -13.62 9.62
CA ALA A 66 -12.55 -14.63 8.57
C ALA A 66 -13.58 -15.77 8.60
N GLU A 67 -14.03 -16.19 9.79
CA GLU A 67 -14.99 -17.31 9.85
C GLU A 67 -16.32 -16.88 9.24
N LEU A 68 -16.73 -15.64 9.54
CA LEU A 68 -17.99 -15.14 8.97
C LEU A 68 -17.89 -14.95 7.47
N VAL A 69 -16.79 -14.36 7.04
CA VAL A 69 -16.54 -14.10 5.63
C VAL A 69 -16.54 -15.41 4.88
N ASP A 70 -15.94 -16.43 5.47
CA ASP A 70 -15.90 -17.77 4.87
C ASP A 70 -17.30 -18.30 4.64
N LYS A 71 -18.18 -18.12 5.62
CA LYS A 71 -19.52 -18.67 5.58
C LYS A 71 -20.31 -17.99 4.49
N LEU A 72 -20.13 -16.69 4.38
CA LEU A 72 -20.87 -15.99 3.36
C LEU A 72 -20.30 -16.25 1.96
N ALA A 73 -18.98 -16.26 1.82
CA ALA A 73 -18.39 -16.37 0.51
C ALA A 73 -18.67 -17.73 -0.11
N ALA A 74 -18.82 -18.74 0.76
CA ALA A 74 -19.15 -20.08 0.29
C ALA A 74 -20.47 -20.14 -0.53
N LYS A 75 -21.32 -19.15 -0.35
CA LYS A 75 -22.63 -19.14 -0.99
C LYS A 75 -22.75 -18.04 -2.04
N ALA A 76 -21.66 -17.34 -2.35
CA ALA A 76 -21.74 -16.17 -3.19
C ALA A 76 -21.07 -16.40 -4.54
N ASP A 77 -21.44 -15.61 -5.53
CA ASP A 77 -20.70 -15.62 -6.77
C ASP A 77 -19.89 -14.36 -7.06
N ALA A 78 -20.04 -13.35 -6.22
CA ALA A 78 -19.22 -12.15 -6.36
C ALA A 78 -19.24 -11.38 -5.06
N ILE A 79 -18.17 -10.64 -4.84
CA ILE A 79 -18.04 -9.72 -3.73
C ILE A 79 -17.81 -8.36 -4.31
N VAL A 80 -18.59 -7.36 -3.93
CA VAL A 80 -18.42 -5.94 -4.30
C VAL A 80 -18.10 -5.24 -2.99
N HIS A 81 -16.90 -4.65 -2.90
CA HIS A 81 -16.31 -4.31 -1.64
C HIS A 81 -16.27 -2.82 -1.40
N TYR A 82 -17.24 -2.34 -0.63
CA TYR A 82 -17.31 -0.95 -0.21
C TYR A 82 -16.87 -0.71 1.22
N ALA A 83 -16.82 -1.71 2.07
CA ALA A 83 -16.59 -1.50 3.49
C ALA A 83 -15.25 -0.82 3.69
N ALA A 84 -15.26 0.28 4.39
CA ALA A 84 -14.02 0.99 4.70
C ALA A 84 -14.33 1.99 5.78
N GLU A 85 -13.33 2.36 6.51
CA GLU A 85 -13.32 3.66 7.19
C GLU A 85 -13.01 4.73 6.13
N SER A 86 -13.91 5.69 5.95
CA SER A 86 -13.93 6.50 4.78
C SER A 86 -13.52 7.93 4.96
N HIS A 87 -13.27 8.39 6.18
CA HIS A 87 -13.16 9.83 6.39
C HIS A 87 -11.74 10.29 6.73
N ASN A 88 -11.19 11.14 5.89
CA ASN A 88 -9.83 11.66 6.10
C ASN A 88 -9.64 12.26 7.49
N ASP A 89 -10.60 13.09 7.91
CA ASP A 89 -10.46 13.71 9.23
C ASP A 89 -10.40 12.72 10.39
N ASN A 90 -11.24 11.70 10.30
CA ASN A 90 -11.17 10.67 11.32
C ASN A 90 -9.81 9.95 11.33
N SER A 91 -9.24 9.77 10.15
CA SER A 91 -8.01 9.07 10.01
C SER A 91 -6.86 9.82 10.62
N LEU A 92 -6.93 11.14 10.65
CA LEU A 92 -5.89 11.97 11.23
C LEU A 92 -5.98 11.94 12.75
N ASN A 93 -7.15 11.70 13.30
CA ASN A 93 -7.34 11.63 14.74
C ASN A 93 -7.04 10.25 15.29
N ASP A 94 -7.39 9.23 14.52
CA ASP A 94 -7.15 7.85 14.94
C ASP A 94 -7.07 6.93 13.72
N PRO A 95 -5.86 6.65 13.28
CA PRO A 95 -5.71 5.77 12.11
C PRO A 95 -6.07 4.32 12.33
N SER A 96 -6.17 3.87 13.58
CA SER A 96 -6.25 2.44 13.91
C SER A 96 -7.35 1.65 13.19
N PRO A 97 -8.57 2.15 13.13
CA PRO A 97 -9.61 1.41 12.42
C PRO A 97 -9.42 1.38 10.90
N PHE A 98 -8.67 2.37 10.38
CA PHE A 98 -8.34 2.39 8.94
C PHE A 98 -7.41 1.25 8.56
N ILE A 99 -6.39 1.04 9.39
CA ILE A 99 -5.47 -0.05 9.21
C ILE A 99 -6.26 -1.38 9.20
N HIS A 100 -7.09 -1.57 10.24
CA HIS A 100 -7.87 -2.79 10.41
C HIS A 100 -8.82 -3.03 9.25
N THR A 101 -9.69 -2.08 8.98
CA THR A 101 -10.74 -2.32 8.02
C THR A 101 -10.25 -2.24 6.60
N ASN A 102 -9.47 -1.22 6.31
CA ASN A 102 -9.14 -0.95 4.92
C ASN A 102 -8.11 -1.92 4.40
N PHE A 103 -7.14 -2.26 5.21
CA PHE A 103 -6.13 -3.18 4.76
C PHE A 103 -6.39 -4.62 5.17
N ILE A 104 -6.49 -4.93 6.48
CA ILE A 104 -6.71 -6.27 6.93
C ILE A 104 -8.06 -6.78 6.44
N GLY A 105 -9.07 -5.94 6.39
CA GLY A 105 -10.34 -6.35 5.86
C GLY A 105 -10.31 -6.73 4.38
N THR A 106 -9.63 -5.93 3.57
CA THR A 106 -9.50 -6.25 2.14
C THR A 106 -8.74 -7.55 1.96
N TYR A 107 -7.64 -7.74 2.74
CA TYR A 107 -6.91 -9.00 2.69
C TYR A 107 -7.80 -10.21 2.99
N THR A 108 -8.63 -10.04 4.02
CA THR A 108 -9.44 -11.18 4.49
C THR A 108 -10.43 -11.56 3.34
N LEU A 109 -11.00 -10.55 2.72
CA LEU A 109 -11.93 -10.77 1.62
C LEU A 109 -11.25 -11.35 0.39
N LEU A 110 -10.01 -10.91 0.13
CA LEU A 110 -9.29 -11.46 -1.01
C LEU A 110 -8.97 -12.92 -0.79
N GLU A 111 -8.62 -13.32 0.44
CA GLU A 111 -8.36 -14.72 0.70
C GLU A 111 -9.61 -15.57 0.52
N ALA A 112 -10.77 -15.02 0.87
CA ALA A 112 -12.02 -15.75 0.64
C ALA A 112 -12.32 -15.81 -0.87
N ALA A 113 -12.09 -14.73 -1.61
CA ALA A 113 -12.31 -14.74 -3.06
C ALA A 113 -11.42 -15.80 -3.71
N ARG A 114 -10.17 -15.91 -3.21
CA ARG A 114 -9.19 -16.84 -3.72
C ARG A 114 -9.61 -18.28 -3.40
N LYS A 115 -10.09 -18.49 -2.19
CA LYS A 115 -10.50 -19.84 -1.77
C LYS A 115 -11.63 -20.37 -2.64
N TYR A 116 -12.63 -19.54 -2.88
CA TYR A 116 -13.87 -19.95 -3.55
C TYR A 116 -13.87 -19.62 -5.05
N ASP A 117 -12.80 -18.98 -5.51
CA ASP A 117 -12.63 -18.60 -6.90
C ASP A 117 -13.81 -17.79 -7.40
N ILE A 118 -14.12 -16.73 -6.67
CA ILE A 118 -15.23 -15.88 -7.08
C ILE A 118 -14.77 -14.46 -7.44
N ARG A 119 -15.66 -13.81 -8.15
CA ARG A 119 -15.40 -12.46 -8.63
C ARG A 119 -15.29 -11.47 -7.50
N PHE A 120 -14.37 -10.50 -7.66
CA PHE A 120 -14.15 -9.48 -6.60
C PHE A 120 -14.02 -8.15 -7.25
N HIS A 121 -14.87 -7.21 -6.84
CA HIS A 121 -14.71 -5.86 -7.30
C HIS A 121 -14.36 -4.96 -6.12
N HIS A 122 -13.19 -4.32 -6.22
CA HIS A 122 -12.69 -3.45 -5.18
C HIS A 122 -13.06 -1.99 -5.45
N VAL A 123 -13.85 -1.38 -4.56
CA VAL A 123 -14.26 -0.01 -4.76
C VAL A 123 -13.25 0.89 -4.07
N SER A 124 -12.61 1.73 -4.85
CA SER A 124 -11.60 2.62 -4.34
C SER A 124 -11.78 4.06 -4.80
N THR A 125 -10.78 4.90 -4.54
CA THR A 125 -10.93 6.33 -4.57
C THR A 125 -9.78 6.97 -5.35
N ASP A 126 -10.08 8.14 -5.86
CA ASP A 126 -9.13 8.95 -6.56
C ASP A 126 -7.98 9.41 -5.64
N GLU A 127 -8.17 9.34 -4.34
CA GLU A 127 -7.17 9.83 -3.41
C GLU A 127 -5.90 9.04 -3.38
N VAL A 128 -5.93 7.82 -3.94
CA VAL A 128 -4.73 7.04 -3.97
C VAL A 128 -3.64 7.71 -4.78
N TYR A 129 -3.98 8.63 -5.67
CA TYR A 129 -3.02 9.28 -6.59
C TYR A 129 -2.42 10.53 -6.00
N GLY A 130 -2.87 10.90 -4.83
CA GLY A 130 -2.42 12.10 -4.16
C GLY A 130 -3.16 13.29 -4.68
N ASP A 131 -2.38 14.33 -4.92
CA ASP A 131 -2.67 15.66 -5.26
C ASP A 131 -2.28 16.19 -6.60
N LEU A 132 -3.05 17.20 -7.08
CA LEU A 132 -2.71 17.96 -8.30
C LEU A 132 -2.72 19.43 -7.99
N PRO A 133 -1.93 20.22 -8.74
CA PRO A 133 -2.07 21.69 -8.66
C PRO A 133 -3.43 22.13 -9.17
N LEU A 134 -3.78 23.35 -8.81
CA LEU A 134 -4.99 23.98 -9.33
C LEU A 134 -4.79 24.26 -10.79
N ARG A 135 -5.89 24.37 -11.53
CA ARG A 135 -5.84 24.61 -12.97
C ARG A 135 -5.10 25.91 -13.31
N GLU A 136 -5.24 26.92 -12.48
CA GLU A 136 -4.59 28.23 -12.77
C GLU A 136 -3.04 28.11 -12.74
N ASP A 137 -2.54 27.06 -12.10
CA ASP A 137 -1.10 26.84 -11.99
C ASP A 137 -0.57 25.78 -12.94
N LEU A 138 -1.37 25.38 -13.91
CA LEU A 138 -0.99 24.36 -14.85
C LEU A 138 -0.94 24.94 -16.27
N PRO A 139 0.08 24.61 -17.06
CA PRO A 139 0.14 25.14 -18.44
C PRO A 139 -1.00 24.75 -19.37
N GLY A 140 -1.54 23.54 -19.22
CA GLY A 140 -2.73 23.16 -19.95
C GLY A 140 -4.05 23.43 -19.22
N HIS A 141 -4.00 24.17 -18.09
CA HIS A 141 -5.17 24.61 -17.33
C HIS A 141 -6.07 23.47 -17.01
N GLY A 142 -5.44 22.33 -16.70
CA GLY A 142 -6.18 21.14 -16.28
C GLY A 142 -6.44 20.12 -17.37
N GLU A 143 -6.25 20.51 -18.62
CA GLU A 143 -6.60 19.65 -19.76
C GLU A 143 -5.40 19.07 -20.51
N GLY A 144 -4.19 19.32 -20.02
CA GLY A 144 -3.02 18.72 -20.60
C GLY A 144 -2.67 17.36 -20.00
N PRO A 145 -1.69 16.70 -20.60
CA PRO A 145 -1.21 15.42 -20.08
C PRO A 145 -0.69 15.55 -18.65
N GLY A 146 -1.17 14.64 -17.81
CA GLY A 146 -0.76 14.61 -16.42
C GLY A 146 -1.50 15.60 -15.52
N GLU A 147 -2.45 16.37 -16.07
CA GLU A 147 -3.12 17.40 -15.27
C GLU A 147 -4.43 16.90 -14.66
N LYS A 148 -4.75 15.65 -14.98
CA LYS A 148 -5.79 14.85 -14.32
C LYS A 148 -5.23 13.47 -14.09
N PHE A 149 -5.85 12.71 -13.18
CA PHE A 149 -5.49 11.36 -12.94
C PHE A 149 -5.96 10.45 -14.08
N THR A 150 -5.13 9.49 -14.42
CA THR A 150 -5.44 8.39 -15.33
C THR A 150 -5.06 7.05 -14.68
N ALA A 151 -5.39 5.95 -15.35
CA ALA A 151 -5.04 4.61 -14.84
C ALA A 151 -3.51 4.42 -14.75
N GLU A 152 -2.75 5.28 -15.43
CA GLU A 152 -1.28 5.29 -15.45
C GLU A 152 -0.62 6.19 -14.37
N THR A 153 -1.41 6.90 -13.62
CA THR A 153 -0.87 7.83 -12.62
C THR A 153 -0.27 7.04 -11.44
N ASN A 154 0.87 7.52 -10.93
CA ASN A 154 1.51 6.97 -9.77
C ASN A 154 0.60 7.05 -8.55
N TYR A 155 0.62 6.02 -7.73
CA TYR A 155 0.07 6.14 -6.40
C TYR A 155 0.96 7.07 -5.57
N ASN A 156 0.32 7.96 -4.83
CA ASN A 156 1.00 8.88 -3.93
C ASN A 156 0.05 9.42 -2.88
N PRO A 157 -0.52 8.56 -2.08
CA PRO A 157 -1.54 9.01 -1.12
C PRO A 157 -0.98 9.85 0.03
N SER A 158 -1.80 10.79 0.50
CA SER A 158 -1.40 11.79 1.49
C SER A 158 -1.75 11.44 2.90
N SER A 159 -2.82 10.68 3.12
CA SER A 159 -3.34 10.55 4.50
C SER A 159 -3.39 9.10 4.99
N PRO A 160 -3.64 8.84 6.29
CA PRO A 160 -3.87 7.44 6.69
C PRO A 160 -5.05 6.82 5.98
N TYR A 161 -6.10 7.59 5.72
CA TYR A 161 -7.17 7.05 4.92
C TYR A 161 -6.73 6.66 3.50
N SER A 162 -6.17 7.60 2.75
CA SER A 162 -5.90 7.35 1.36
C SER A 162 -4.79 6.35 1.22
N SER A 163 -3.89 6.34 2.20
CA SER A 163 -2.79 5.38 2.17
C SER A 163 -3.28 3.95 2.40
N THR A 164 -4.23 3.78 3.28
CA THR A 164 -4.75 2.44 3.49
C THR A 164 -5.61 2.00 2.33
N LYS A 165 -6.33 2.92 1.66
CA LYS A 165 -7.02 2.57 0.46
C LYS A 165 -6.04 2.17 -0.64
N ALA A 166 -4.98 2.96 -0.81
CA ALA A 166 -3.99 2.65 -1.82
C ALA A 166 -3.34 1.29 -1.55
N ALA A 167 -3.02 1.03 -0.29
CA ALA A 167 -2.43 -0.25 0.13
C ALA A 167 -3.34 -1.40 -0.22
N SER A 168 -4.63 -1.18 -0.02
CA SER A 168 -5.59 -2.23 -0.33
C SER A 168 -5.64 -2.46 -1.85
N ASP A 169 -5.58 -1.40 -2.66
CA ASP A 169 -5.57 -1.55 -4.11
C ASP A 169 -4.34 -2.36 -4.50
N LEU A 170 -3.16 -2.07 -3.93
CA LEU A 170 -1.96 -2.83 -4.27
C LEU A 170 -2.07 -4.33 -4.00
N ILE A 171 -2.64 -4.75 -2.87
CA ILE A 171 -2.76 -6.19 -2.62
C ILE A 171 -3.80 -6.82 -3.52
N VAL A 172 -4.86 -6.11 -3.87
CA VAL A 172 -5.79 -6.64 -4.85
C VAL A 172 -5.06 -7.00 -6.12
N LYS A 173 -4.26 -6.07 -6.62
CA LYS A 173 -3.58 -6.25 -7.92
C LYS A 173 -2.57 -7.39 -7.80
N ALA A 174 -1.87 -7.49 -6.67
CA ALA A 174 -0.92 -8.60 -6.46
C ALA A 174 -1.59 -9.92 -6.35
N TRP A 175 -2.77 -9.96 -5.74
CA TRP A 175 -3.52 -11.21 -5.68
C TRP A 175 -3.98 -11.66 -7.08
N VAL A 176 -4.28 -10.70 -7.96
CA VAL A 176 -4.56 -11.04 -9.35
C VAL A 176 -3.35 -11.68 -10.02
N ARG A 177 -2.18 -11.02 -9.93
CA ARG A 177 -1.00 -11.49 -10.61
C ARG A 177 -0.47 -12.82 -10.04
N SER A 178 -0.51 -12.95 -8.72
CA SER A 178 0.09 -14.08 -8.06
C SER A 178 -0.83 -15.30 -7.99
N PHE A 179 -2.11 -15.05 -7.79
CA PHE A 179 -3.03 -16.11 -7.50
C PHE A 179 -4.20 -16.24 -8.49
N GLY A 180 -4.31 -15.31 -9.45
CA GLY A 180 -5.40 -15.34 -10.44
C GLY A 180 -6.75 -14.99 -9.88
N VAL A 181 -6.78 -14.19 -8.79
CA VAL A 181 -8.08 -13.73 -8.29
C VAL A 181 -8.75 -12.93 -9.44
N LYS A 182 -10.06 -13.13 -9.54
CA LYS A 182 -10.88 -12.47 -10.55
C LYS A 182 -11.33 -11.12 -10.07
N ALA A 183 -10.37 -10.23 -9.98
CA ALA A 183 -10.58 -8.90 -9.43
C ALA A 183 -10.49 -7.79 -10.42
N THR A 184 -11.30 -6.78 -10.13
CA THR A 184 -11.21 -5.49 -10.80
C THR A 184 -11.18 -4.43 -9.70
N ILE A 185 -10.68 -3.24 -10.07
CA ILE A 185 -10.66 -2.08 -9.17
C ILE A 185 -11.29 -0.91 -9.86
N SER A 186 -12.00 -0.09 -9.09
CA SER A 186 -12.43 1.20 -9.55
C SER A 186 -11.88 2.26 -8.60
N ASN A 187 -11.48 3.41 -9.19
CA ASN A 187 -11.08 4.60 -8.43
C ASN A 187 -11.99 5.72 -8.83
N CYS A 188 -12.82 6.18 -7.90
CA CYS A 188 -13.87 7.16 -8.20
C CYS A 188 -13.57 8.46 -7.52
N SER A 189 -14.03 9.54 -8.12
CA SER A 189 -13.91 10.84 -7.51
C SER A 189 -14.98 11.02 -6.44
N ASN A 190 -15.03 12.20 -5.83
CA ASN A 190 -15.90 12.45 -4.68
C ASN A 190 -17.34 12.27 -5.03
N ASN A 191 -18.03 11.44 -4.27
CA ASN A 191 -19.46 11.23 -4.45
C ASN A 191 -20.26 12.18 -3.60
N TYR A 192 -21.46 12.54 -4.09
CA TYR A 192 -22.44 13.20 -3.32
C TYR A 192 -23.80 12.60 -3.62
N GLY A 193 -24.76 12.91 -2.78
CA GLY A 193 -26.13 12.45 -2.95
C GLY A 193 -26.80 12.12 -1.65
N PRO A 194 -27.99 11.52 -1.73
CA PRO A 194 -28.70 11.15 -0.53
C PRO A 194 -27.94 10.03 0.22
N TYR A 195 -28.17 10.04 1.51
CA TYR A 195 -27.63 9.04 2.45
C TYR A 195 -26.15 9.21 2.78
N GLN A 196 -25.58 10.35 2.42
CA GLN A 196 -24.19 10.59 2.83
C GLN A 196 -24.17 11.04 4.29
N HIS A 197 -23.23 10.51 5.06
CA HIS A 197 -23.11 10.85 6.46
C HIS A 197 -22.77 12.34 6.61
N ILE A 198 -23.37 12.97 7.63
CA ILE A 198 -23.26 14.39 7.82
C ILE A 198 -21.90 14.85 8.34
N GLU A 199 -20.94 13.95 8.48
CA GLU A 199 -19.55 14.42 8.68
C GLU A 199 -18.91 14.90 7.43
N LYS A 200 -19.43 14.48 6.28
CA LYS A 200 -18.81 14.84 5.01
C LYS A 200 -19.23 16.22 4.55
N PHE A 201 -18.41 16.82 3.68
CA PHE A 201 -18.57 18.22 3.31
C PHE A 201 -19.97 18.67 2.93
N ILE A 202 -20.53 18.15 1.85
CA ILE A 202 -21.78 18.69 1.38
C ILE A 202 -22.90 18.50 2.42
N PRO A 203 -23.11 17.30 2.89
CA PRO A 203 -24.21 17.12 3.86
C PRO A 203 -24.00 17.87 5.17
N ARG A 204 -22.73 18.02 5.58
CA ARG A 204 -22.48 18.78 6.81
C ARG A 204 -23.01 20.20 6.62
N GLN A 205 -22.76 20.84 5.47
CA GLN A 205 -23.12 22.21 5.29
C GLN A 205 -24.63 22.34 5.19
N ILE A 206 -25.25 21.48 4.41
CA ILE A 206 -26.68 21.51 4.23
C ILE A 206 -27.38 21.36 5.60
N THR A 207 -26.98 20.36 6.37
CA THR A 207 -27.65 20.06 7.60
C THR A 207 -27.25 21.02 8.71
N ASN A 208 -26.03 21.59 8.68
CA ASN A 208 -25.80 22.75 9.53
C ASN A 208 -26.82 23.85 9.28
N ILE A 209 -27.05 24.21 8.04
CA ILE A 209 -27.99 25.33 7.72
C ILE A 209 -29.38 24.97 8.21
N LEU A 210 -29.80 23.72 7.97
CA LEU A 210 -31.08 23.29 8.49
C LEU A 210 -31.21 23.35 10.01
N ALA A 211 -30.13 23.06 10.71
CA ALA A 211 -30.07 23.04 12.16
C ALA A 211 -29.76 24.38 12.80
N GLY A 212 -29.57 25.40 11.96
CA GLY A 212 -29.30 26.76 12.44
C GLY A 212 -27.86 26.95 12.88
N ILE A 213 -26.94 26.23 12.26
CA ILE A 213 -25.51 26.22 12.61
C ILE A 213 -24.80 26.75 11.38
N LYS A 214 -23.77 27.55 11.56
CA LYS A 214 -22.99 28.00 10.39
C LYS A 214 -22.29 26.88 9.69
N PRO A 215 -22.32 26.87 8.37
CA PRO A 215 -21.41 26.02 7.62
C PRO A 215 -19.97 26.33 7.91
N LYS A 216 -19.12 25.37 7.61
CA LYS A 216 -17.72 25.38 8.01
C LYS A 216 -16.88 25.14 6.76
N LEU A 217 -15.98 26.06 6.44
CA LEU A 217 -15.10 25.95 5.26
C LEU A 217 -13.65 25.86 5.76
N TYR A 218 -12.94 24.85 5.30
CA TYR A 218 -11.54 24.59 5.71
C TYR A 218 -10.67 25.65 5.01
N GLY A 219 -9.99 26.45 5.80
CA GLY A 219 -9.14 27.47 5.25
C GLY A 219 -9.98 28.45 4.44
N GLU A 220 -9.54 28.83 3.23
CA GLU A 220 -10.30 29.73 2.39
C GLU A 220 -11.07 29.01 1.26
N GLY A 221 -11.12 27.69 1.32
CA GLY A 221 -11.92 26.94 0.37
C GLY A 221 -11.30 26.73 -1.00
N LYS A 222 -9.97 26.81 -1.10
CA LYS A 222 -9.32 26.71 -2.45
C LYS A 222 -9.36 25.29 -3.01
N ASN A 223 -9.51 24.28 -2.14
CA ASN A 223 -9.38 22.91 -2.55
C ASN A 223 -10.48 22.53 -3.53
N VAL A 224 -10.09 21.67 -4.48
CA VAL A 224 -10.92 21.25 -5.60
C VAL A 224 -11.19 19.75 -5.52
N ARG A 225 -12.46 19.40 -5.60
CA ARG A 225 -12.90 18.03 -5.68
C ARG A 225 -13.74 17.86 -6.94
N ASP A 226 -13.77 16.65 -7.45
CA ASP A 226 -14.37 16.37 -8.74
C ASP A 226 -15.62 15.57 -8.41
N TRP A 227 -16.74 16.23 -8.38
CA TRP A 227 -17.95 15.69 -7.80
C TRP A 227 -18.72 14.82 -8.81
N ILE A 228 -19.16 13.67 -8.34
CA ILE A 228 -19.99 12.74 -9.10
C ILE A 228 -21.15 12.26 -8.22
N HIS A 229 -22.33 12.24 -8.78
CA HIS A 229 -23.45 11.69 -8.05
C HIS A 229 -23.29 10.21 -7.86
N THR A 230 -23.65 9.75 -6.66
CA THR A 230 -23.48 8.37 -6.32
C THR A 230 -24.25 7.45 -7.29
N ASN A 231 -25.35 7.94 -7.87
CA ASN A 231 -26.09 7.09 -8.81
C ASN A 231 -25.22 6.71 -10.02
N ASP A 232 -24.35 7.64 -10.45
CA ASP A 232 -23.41 7.40 -11.55
C ASP A 232 -22.28 6.47 -11.14
N HIS A 233 -21.88 6.51 -9.87
CA HIS A 233 -20.90 5.58 -9.36
C HIS A 233 -21.49 4.21 -9.38
N SER A 234 -22.74 4.07 -8.99
CA SER A 234 -23.37 2.76 -8.98
C SER A 234 -23.38 2.13 -10.36
N THR A 235 -23.77 2.87 -11.36
CA THR A 235 -23.82 2.28 -12.72
C THR A 235 -22.38 1.96 -13.21
N GLY A 236 -21.40 2.75 -12.78
CA GLY A 236 -20.00 2.50 -13.13
C GLY A 236 -19.54 1.17 -12.55
N VAL A 237 -19.82 0.98 -11.29
CA VAL A 237 -19.44 -0.23 -10.65
C VAL A 237 -20.13 -1.43 -11.31
N TRP A 238 -21.44 -1.32 -11.53
CA TRP A 238 -22.15 -2.36 -12.22
C TRP A 238 -21.54 -2.74 -13.54
N ALA A 239 -21.16 -1.75 -14.35
CA ALA A 239 -20.58 -2.01 -15.66
C ALA A 239 -19.24 -2.72 -15.52
N ILE A 240 -18.43 -2.28 -14.55
CA ILE A 240 -17.14 -2.98 -14.28
C ILE A 240 -17.32 -4.40 -13.78
N LEU A 241 -18.27 -4.59 -12.86
CA LEU A 241 -18.49 -5.88 -12.28
C LEU A 241 -18.86 -6.86 -13.39
N THR A 242 -19.79 -6.45 -14.26
CA THR A 242 -20.36 -7.37 -15.24
C THR A 242 -19.64 -7.43 -16.58
N LYS A 243 -18.91 -6.37 -16.94
CA LYS A 243 -18.26 -6.30 -18.24
C LYS A 243 -16.76 -5.99 -18.24
N GLY A 244 -16.21 -5.72 -17.08
CA GLY A 244 -14.79 -5.37 -16.95
C GLY A 244 -13.80 -6.53 -17.22
N ARG A 245 -12.57 -6.14 -17.54
CA ARG A 245 -11.48 -7.07 -17.80
C ARG A 245 -10.78 -7.34 -16.50
N MET A 246 -10.53 -8.63 -16.24
CA MET A 246 -9.90 -9.07 -14.98
C MET A 246 -8.54 -8.42 -14.87
N GLY A 247 -8.27 -7.91 -13.69
CA GLY A 247 -7.02 -7.27 -13.38
C GLY A 247 -6.98 -5.78 -13.67
N GLU A 248 -8.00 -5.23 -14.32
CA GLU A 248 -7.92 -3.85 -14.69
C GLU A 248 -8.47 -2.91 -13.65
N THR A 249 -7.94 -1.71 -13.72
CA THR A 249 -8.37 -0.59 -12.94
C THR A 249 -9.12 0.39 -13.84
N TYR A 250 -10.29 0.85 -13.38
CA TYR A 250 -11.05 1.83 -14.12
C TYR A 250 -11.28 3.03 -13.25
N LEU A 251 -11.15 4.22 -13.82
CA LEU A 251 -11.40 5.46 -13.09
C LEU A 251 -12.80 5.95 -13.42
N ILE A 252 -13.52 6.41 -12.40
CA ILE A 252 -14.87 6.87 -12.54
C ILE A 252 -14.91 8.34 -12.13
N GLY A 253 -15.46 9.15 -13.00
CA GLY A 253 -15.61 10.55 -12.77
C GLY A 253 -16.54 11.17 -13.80
N ALA A 254 -17.05 12.36 -13.50
CA ALA A 254 -18.05 13.02 -14.33
C ALA A 254 -17.70 14.42 -14.70
N ASP A 255 -16.41 14.74 -14.71
CA ASP A 255 -15.91 16.06 -15.12
C ASP A 255 -16.63 17.20 -14.35
N GLY A 256 -16.50 17.12 -13.02
CA GLY A 256 -17.26 17.98 -12.12
C GLY A 256 -16.41 18.74 -11.12
N GLU A 257 -15.22 19.22 -11.53
CA GLU A 257 -14.36 19.91 -10.59
C GLU A 257 -14.95 21.22 -10.12
N LYS A 258 -14.95 21.42 -8.81
CA LYS A 258 -15.34 22.70 -8.22
C LYS A 258 -14.50 22.91 -6.99
N ASN A 259 -14.19 24.17 -6.65
CA ASN A 259 -13.55 24.36 -5.37
C ASN A 259 -14.59 24.41 -4.26
N ASN A 260 -14.12 24.18 -3.06
CA ASN A 260 -15.03 24.08 -1.90
C ASN A 260 -15.79 25.39 -1.65
N LYS A 261 -15.12 26.54 -1.84
CA LYS A 261 -15.80 27.80 -1.66
C LYS A 261 -16.99 27.95 -2.64
N GLU A 262 -16.81 27.52 -3.88
CA GLU A 262 -17.89 27.61 -4.85
C GLU A 262 -19.05 26.69 -4.47
N VAL A 263 -18.71 25.49 -3.98
CA VAL A 263 -19.78 24.58 -3.58
C VAL A 263 -20.57 25.13 -2.43
N LEU A 264 -19.86 25.63 -1.45
CA LEU A 264 -20.51 26.21 -0.30
C LEU A 264 -21.36 27.41 -0.67
N GLU A 265 -20.86 28.28 -1.50
CA GLU A 265 -21.64 29.40 -1.98
C GLU A 265 -22.89 29.01 -2.72
N LEU A 266 -22.80 27.93 -3.48
CA LEU A 266 -24.00 27.39 -4.13
C LEU A 266 -25.01 26.84 -3.13
N ILE A 267 -24.54 26.13 -2.13
CA ILE A 267 -25.46 25.67 -1.09
C ILE A 267 -26.13 26.83 -0.37
N LEU A 268 -25.35 27.87 -0.03
CA LEU A 268 -25.90 29.01 0.69
C LEU A 268 -26.98 29.67 -0.16
N GLU A 269 -26.70 29.84 -1.45
CA GLU A 269 -27.62 30.54 -2.34
C GLU A 269 -28.91 29.74 -2.48
N LYS A 270 -28.78 28.42 -2.74
CA LYS A 270 -29.93 27.57 -2.91
C LYS A 270 -30.78 27.48 -1.63
N MET A 271 -30.17 27.64 -0.47
CA MET A 271 -30.88 27.56 0.82
C MET A 271 -31.32 28.92 1.32
N GLY A 272 -31.14 29.96 0.51
CA GLY A 272 -31.57 31.28 0.85
C GLY A 272 -30.80 31.98 1.96
N GLN A 273 -29.51 31.66 2.06
CA GLN A 273 -28.65 32.25 3.08
C GLN A 273 -27.76 33.29 2.42
N PRO A 274 -27.31 34.26 3.20
CA PRO A 274 -26.30 35.21 2.74
C PRO A 274 -25.01 34.49 2.33
N LYS A 275 -24.35 35.05 1.32
CA LYS A 275 -23.10 34.55 0.79
C LYS A 275 -21.99 34.53 1.84
N ASP A 276 -22.12 35.26 2.92
CA ASP A 276 -21.05 35.33 3.91
C ASP A 276 -21.41 34.57 5.20
N ALA A 277 -22.51 33.78 5.17
CA ALA A 277 -23.06 33.21 6.40
C ALA A 277 -22.43 31.84 6.65
N TYR A 278 -21.13 31.89 6.87
CA TYR A 278 -20.35 30.68 7.19
C TYR A 278 -19.11 31.05 8.00
N ASP A 279 -18.45 30.03 8.54
CA ASP A 279 -17.21 30.17 9.27
C ASP A 279 -16.07 29.53 8.48
N HIS A 280 -14.93 30.19 8.44
CA HIS A 280 -13.67 29.56 8.04
C HIS A 280 -13.18 28.82 9.30
N VAL A 281 -12.74 27.60 9.12
CA VAL A 281 -12.23 26.78 10.20
C VAL A 281 -10.89 26.15 9.88
N THR A 282 -10.25 25.70 10.95
CA THR A 282 -8.96 25.10 10.90
C THR A 282 -8.80 24.17 9.70
N ASP A 283 -7.76 24.40 8.92
CA ASP A 283 -7.52 23.61 7.72
C ASP A 283 -6.97 22.22 8.13
N ARG A 284 -7.18 21.28 7.23
CA ARG A 284 -6.80 19.88 7.43
C ARG A 284 -5.32 19.66 7.23
N ALA A 285 -4.70 18.88 8.12
CA ALA A 285 -3.28 18.58 8.00
C ALA A 285 -3.04 17.78 6.70
N GLY A 286 -2.09 18.24 5.88
CA GLY A 286 -1.75 17.50 4.65
C GLY A 286 -2.78 17.60 3.56
N HIS A 287 -3.73 18.51 3.74
CA HIS A 287 -4.93 18.65 2.87
C HIS A 287 -4.55 18.51 1.39
N ASP A 288 -5.23 17.64 0.69
CA ASP A 288 -4.99 17.48 -0.73
C ASP A 288 -5.64 18.65 -1.47
N LEU A 289 -4.88 19.19 -2.42
CA LEU A 289 -5.22 20.40 -3.13
C LEU A 289 -6.35 20.16 -4.16
N ARG A 290 -6.04 19.49 -5.27
CA ARG A 290 -7.04 19.24 -6.32
C ARG A 290 -7.03 17.77 -6.67
N TYR A 291 -8.21 17.20 -6.82
CA TYR A 291 -8.38 15.92 -7.51
C TYR A 291 -9.12 16.11 -8.79
N ALA A 292 -8.85 15.24 -9.77
CA ALA A 292 -9.49 15.40 -11.06
C ALA A 292 -9.28 14.07 -11.74
N ILE A 293 -10.38 13.49 -12.26
CA ILE A 293 -10.33 12.19 -12.88
C ILE A 293 -10.56 12.34 -14.39
N ASP A 294 -9.73 11.63 -15.16
CA ASP A 294 -9.96 11.35 -16.62
C ASP A 294 -10.56 9.94 -16.71
N ALA A 295 -11.87 9.91 -17.01
CA ALA A 295 -12.63 8.66 -17.08
C ALA A 295 -12.70 8.07 -18.48
N SER A 296 -11.77 8.43 -19.32
CA SER A 296 -11.82 8.02 -20.73
C SER A 296 -11.82 6.50 -20.91
N LYS A 297 -11.07 5.79 -20.08
CA LYS A 297 -10.99 4.32 -20.27
C LYS A 297 -12.33 3.66 -20.09
N LEU A 298 -12.97 3.95 -18.97
CA LEU A 298 -14.28 3.40 -18.65
C LEU A 298 -15.30 3.73 -19.75
N ARG A 299 -15.29 4.97 -20.19
CA ARG A 299 -16.18 5.43 -21.25
C ARG A 299 -15.94 4.66 -22.54
N ASP A 300 -14.70 4.65 -22.98
CA ASP A 300 -14.27 3.97 -24.22
C ASP A 300 -14.56 2.47 -24.20
N GLU A 301 -14.13 1.82 -23.13
CA GLU A 301 -14.12 0.36 -23.10
C GLU A 301 -15.49 -0.21 -22.77
N LEU A 302 -16.19 0.40 -21.81
CA LEU A 302 -17.44 -0.20 -21.29
C LEU A 302 -18.67 0.56 -21.65
N GLY A 303 -18.52 1.76 -22.25
CA GLY A 303 -19.65 2.48 -22.75
C GLY A 303 -20.46 3.21 -21.67
N TRP A 304 -19.89 3.30 -20.48
CA TRP A 304 -20.54 4.01 -19.37
C TRP A 304 -20.56 5.48 -19.61
N THR A 305 -21.72 6.09 -19.33
CA THR A 305 -21.83 7.54 -19.38
C THR A 305 -22.54 8.03 -18.13
N PRO A 306 -22.02 9.02 -17.46
CA PRO A 306 -22.74 9.55 -16.31
C PRO A 306 -23.99 10.27 -16.78
N GLN A 307 -25.04 10.16 -16.00
CA GLN A 307 -26.32 10.77 -16.29
C GLN A 307 -26.55 12.06 -15.50
N PHE A 308 -25.90 12.20 -14.34
CA PHE A 308 -26.15 13.35 -13.48
C PHE A 308 -25.01 14.34 -13.59
N THR A 309 -24.90 14.99 -14.72
CA THR A 309 -23.76 15.89 -14.87
C THR A 309 -24.07 17.35 -14.60
N ASP A 310 -25.31 17.68 -14.28
CA ASP A 310 -25.68 19.06 -13.93
C ASP A 310 -25.59 19.08 -12.39
N PHE A 311 -24.46 19.57 -11.91
CA PHE A 311 -24.22 19.63 -10.48
C PHE A 311 -25.21 20.53 -9.75
N SER A 312 -25.60 21.66 -10.37
CA SER A 312 -26.54 22.56 -9.76
C SER A 312 -27.85 21.79 -9.46
N GLU A 313 -28.33 21.02 -10.43
CA GLU A 313 -29.58 20.28 -10.23
C GLU A 313 -29.38 19.13 -9.24
N GLY A 314 -28.29 18.41 -9.36
CA GLY A 314 -28.00 17.33 -8.44
C GLY A 314 -27.88 17.80 -7.00
N LEU A 315 -27.23 18.95 -6.82
CA LEU A 315 -27.14 19.57 -5.51
C LEU A 315 -28.48 20.01 -4.97
N GLU A 316 -29.29 20.62 -5.82
CA GLU A 316 -30.61 21.01 -5.41
C GLU A 316 -31.39 19.79 -4.90
N GLU A 317 -31.34 18.69 -5.64
CA GLU A 317 -32.07 17.50 -5.23
C GLU A 317 -31.53 16.91 -3.94
N THR A 318 -30.22 17.03 -3.77
CA THR A 318 -29.59 16.58 -2.53
C THR A 318 -30.01 17.44 -1.34
N ILE A 319 -29.99 18.75 -1.51
CA ILE A 319 -30.47 19.66 -0.50
C ILE A 319 -31.89 19.29 -0.11
N GLN A 320 -32.75 19.11 -1.12
CA GLN A 320 -34.13 18.75 -0.82
C GLN A 320 -34.24 17.40 -0.06
N TRP A 321 -33.38 16.44 -0.37
CA TRP A 321 -33.42 15.14 0.31
C TRP A 321 -33.11 15.33 1.81
N TYR A 322 -32.06 16.08 2.13
CA TYR A 322 -31.72 16.32 3.55
C TYR A 322 -32.80 17.09 4.25
N THR A 323 -33.48 17.99 3.50
CA THR A 323 -34.55 18.79 4.05
C THR A 323 -35.79 17.95 4.35
N ASP A 324 -36.05 17.00 3.47
CA ASP A 324 -37.23 16.13 3.57
C ASP A 324 -37.02 14.98 4.51
N ASN A 325 -35.77 14.69 4.91
CA ASN A 325 -35.40 13.51 5.73
C ASN A 325 -34.59 13.92 6.92
N GLN A 326 -35.10 14.97 7.59
CA GLN A 326 -34.38 15.46 8.76
C GLN A 326 -34.28 14.41 9.86
N ASP A 327 -35.31 13.56 10.02
CA ASP A 327 -35.22 12.49 11.02
C ASP A 327 -34.09 11.52 10.74
N TRP A 328 -33.59 11.47 9.52
CA TRP A 328 -32.50 10.56 9.21
C TRP A 328 -31.14 10.99 9.77
N TRP A 329 -30.96 12.33 9.95
CA TRP A 329 -29.70 12.88 10.41
C TRP A 329 -29.75 13.60 11.78
N LYS A 330 -30.94 14.01 12.25
CA LYS A 330 -30.99 14.91 13.37
C LYS A 330 -30.33 14.34 14.60
N ALA A 331 -30.43 13.03 14.79
CA ALA A 331 -29.87 12.41 15.98
C ALA A 331 -28.37 12.38 16.03
N GLU A 332 -27.71 12.63 14.90
CA GLU A 332 -26.27 12.63 14.80
C GLU A 332 -25.67 14.02 14.82
N LYS A 333 -26.49 15.06 14.63
CA LYS A 333 -25.92 16.38 14.44
C LYS A 333 -25.02 16.89 15.59
N GLU A 334 -25.55 16.88 16.78
CA GLU A 334 -24.81 17.41 17.94
C GLU A 334 -23.54 16.60 18.14
N ALA A 335 -23.61 15.27 17.99
CA ALA A 335 -22.43 14.44 18.22
C ALA A 335 -21.34 14.66 17.16
N VAL A 336 -21.72 14.82 15.90
CA VAL A 336 -20.73 15.04 14.87
C VAL A 336 -20.07 16.42 15.05
N GLU A 337 -20.88 17.44 15.31
CA GLU A 337 -20.32 18.77 15.51
C GLU A 337 -19.43 18.84 16.75
N ALA A 338 -19.84 18.15 17.81
CA ALA A 338 -19.01 18.09 19.02
C ALA A 338 -17.70 17.39 18.74
N ASN A 339 -17.74 16.34 17.93
CA ASN A 339 -16.52 15.65 17.58
C ASN A 339 -15.55 16.58 16.83
N TYR A 340 -16.07 17.30 15.84
CA TYR A 340 -15.24 18.24 15.10
C TYR A 340 -14.67 19.33 16.04
N ALA A 341 -15.44 19.78 17.01
CA ALA A 341 -15.02 20.83 17.92
C ALA A 341 -13.75 20.47 18.70
N LYS A 342 -13.45 19.17 18.83
CA LYS A 342 -12.24 18.74 19.52
C LYS A 342 -10.97 19.15 18.79
N THR A 343 -11.06 19.29 17.48
CA THR A 343 -9.83 19.58 16.67
C THR A 343 -9.96 20.70 15.66
N GLN A 344 -11.09 21.37 15.64
CA GLN A 344 -11.39 22.37 14.61
C GLN A 344 -12.04 23.55 15.29
N GLU A 345 -11.54 24.74 14.98
CA GLU A 345 -12.18 25.95 15.49
C GLU A 345 -12.29 27.03 14.42
N VAL A 346 -13.13 28.01 14.71
CA VAL A 346 -13.30 29.14 13.81
C VAL A 346 -11.98 29.91 13.75
N ILE A 347 -11.53 30.17 12.53
CA ILE A 347 -10.36 31.01 12.31
C ILE A 347 -10.73 32.47 12.54
N LYS A 348 -9.94 33.10 13.39
CA LYS A 348 -10.05 34.51 13.65
C LYS A 348 -8.75 35.05 14.21
N SER B 2 26.28 10.57 12.70
CA SER B 2 26.69 10.58 14.12
C SER B 2 25.85 11.55 14.93
N GLN B 3 24.86 12.15 14.28
CA GLN B 3 23.82 12.94 14.93
C GLN B 3 22.96 12.06 15.82
N PHE B 4 22.91 10.76 15.53
CA PHE B 4 22.00 9.85 16.24
C PHE B 4 22.85 8.98 17.12
N LYS B 5 22.58 8.99 18.41
CA LYS B 5 23.49 8.29 19.36
C LYS B 5 22.91 6.99 19.90
N ASN B 6 21.59 6.82 19.79
CA ASN B 6 20.87 5.68 20.34
C ASN B 6 19.79 5.23 19.37
N ILE B 7 20.17 4.36 18.45
CA ILE B 7 19.28 3.91 17.43
C ILE B 7 18.68 2.54 17.68
N ILE B 8 17.46 2.35 17.17
CA ILE B 8 16.86 1.03 17.10
C ILE B 8 17.02 0.53 15.66
N VAL B 9 17.49 -0.69 15.48
CA VAL B 9 17.53 -1.33 14.17
C VAL B 9 16.59 -2.53 14.23
N THR B 10 15.44 -2.43 13.57
CA THR B 10 14.54 -3.57 13.61
C THR B 10 15.07 -4.56 12.60
N GLY B 11 14.85 -5.85 12.85
CA GLY B 11 15.26 -6.89 11.97
C GLY B 11 16.75 -7.00 11.84
N GLY B 12 17.47 -6.51 12.85
CA GLY B 12 18.92 -6.51 12.78
C GLY B 12 19.58 -7.83 13.04
N ALA B 13 18.80 -8.90 13.28
CA ALA B 13 19.34 -10.24 13.34
C ALA B 13 19.22 -11.00 12.04
N GLY B 14 18.73 -10.33 11.01
CA GLY B 14 18.59 -10.92 9.67
C GLY B 14 19.80 -10.61 8.84
N PHE B 15 19.69 -10.83 7.53
CA PHE B 15 20.82 -10.70 6.64
C PHE B 15 21.29 -9.24 6.51
N ILE B 16 20.47 -8.43 5.92
CA ILE B 16 20.88 -7.08 5.59
C ILE B 16 21.00 -6.23 6.86
N GLY B 17 20.07 -6.40 7.77
CA GLY B 17 20.07 -5.67 9.02
C GLY B 17 21.29 -5.96 9.86
N SER B 18 21.71 -7.22 9.98
CA SER B 18 22.90 -7.55 10.76
C SER B 18 24.12 -6.97 10.11
N ASN B 19 24.17 -6.96 8.78
CA ASN B 19 25.27 -6.30 8.11
C ASN B 19 25.31 -4.82 8.43
N PHE B 20 24.16 -4.18 8.51
CA PHE B 20 24.14 -2.78 8.84
C PHE B 20 24.60 -2.51 10.30
N VAL B 21 24.15 -3.36 11.23
CA VAL B 21 24.57 -3.24 12.64
C VAL B 21 26.10 -3.40 12.77
N HIS B 22 26.68 -4.34 12.05
CA HIS B 22 28.14 -4.48 12.01
C HIS B 22 28.80 -3.23 11.39
N TYR B 23 28.22 -2.68 10.32
CA TYR B 23 28.67 -1.43 9.73
C TYR B 23 28.71 -0.28 10.78
N VAL B 24 27.63 -0.16 11.54
CA VAL B 24 27.54 0.89 12.53
C VAL B 24 28.61 0.64 13.62
N TYR B 25 28.72 -0.59 14.09
CA TYR B 25 29.63 -0.91 15.16
C TYR B 25 31.04 -0.54 14.67
N ASN B 26 31.38 -0.96 13.45
CA ASN B 26 32.77 -0.71 12.96
C ASN B 26 33.12 0.71 12.54
N ASN B 27 32.11 1.49 12.15
CA ASN B 27 32.35 2.79 11.52
C ASN B 27 31.80 4.00 12.26
N HIS B 28 30.95 3.78 13.28
CA HIS B 28 30.32 4.89 14.01
C HIS B 28 30.28 4.51 15.45
N PRO B 29 31.43 4.62 16.11
CA PRO B 29 31.58 4.16 17.51
C PRO B 29 30.81 4.94 18.56
N ASP B 30 30.31 6.10 18.19
CA ASP B 30 29.47 6.87 19.09
C ASP B 30 28.00 6.44 19.13
N VAL B 31 27.64 5.42 18.37
CA VAL B 31 26.24 5.03 18.23
C VAL B 31 26.01 3.75 19.03
N HIS B 32 25.04 3.83 19.93
CA HIS B 32 24.53 2.66 20.61
C HIS B 32 23.37 2.08 19.79
N VAL B 33 23.35 0.77 19.57
CA VAL B 33 22.30 0.15 18.77
C VAL B 33 21.49 -0.80 19.61
N THR B 34 20.17 -0.64 19.57
CA THR B 34 19.27 -1.66 20.10
C THR B 34 18.62 -2.36 18.95
N VAL B 35 18.85 -3.65 18.78
CA VAL B 35 18.23 -4.41 17.71
C VAL B 35 16.90 -4.94 18.27
N LEU B 36 15.82 -4.78 17.52
CA LEU B 36 14.55 -5.42 17.82
C LEU B 36 14.30 -6.43 16.77
N ASP B 37 14.26 -7.70 17.17
CA ASP B 37 14.10 -8.77 16.22
C ASP B 37 13.36 -9.92 16.85
N LYS B 38 12.46 -10.49 16.08
CA LYS B 38 11.53 -11.52 16.58
C LYS B 38 12.17 -12.89 16.57
N LEU B 39 13.32 -13.01 15.92
CA LEU B 39 14.00 -14.26 15.65
C LEU B 39 13.04 -15.30 15.05
N THR B 40 12.47 -14.94 13.88
CA THR B 40 11.75 -15.89 13.07
C THR B 40 12.78 -16.87 12.50
N TYR B 41 12.32 -17.72 11.58
CA TYR B 41 13.19 -18.63 10.88
C TYR B 41 14.40 -17.91 10.28
N ALA B 42 14.22 -16.64 9.91
CA ALA B 42 15.27 -15.85 9.27
C ALA B 42 16.20 -15.15 10.23
N GLY B 43 15.78 -14.88 11.48
CA GLY B 43 16.64 -14.23 12.45
C GLY B 43 17.60 -15.19 13.10
N ASN B 44 18.81 -14.73 13.34
CA ASN B 44 19.83 -15.59 13.84
C ASN B 44 20.74 -14.77 14.72
N LYS B 45 20.72 -15.06 16.01
CA LYS B 45 21.61 -14.36 16.95
C LYS B 45 23.08 -14.48 16.54
N ALA B 46 23.45 -15.55 15.85
CA ALA B 46 24.84 -15.69 15.41
C ALA B 46 25.27 -14.57 14.46
N ASN B 47 24.32 -13.93 13.78
CA ASN B 47 24.67 -12.85 12.88
C ASN B 47 25.11 -11.60 13.63
N LEU B 48 24.82 -11.57 14.94
CA LEU B 48 25.18 -10.43 15.80
C LEU B 48 26.16 -10.74 16.91
N GLU B 49 26.30 -12.00 17.23
CA GLU B 49 26.92 -12.40 18.49
C GLU B 49 28.26 -11.69 18.78
N ALA B 50 29.15 -11.57 17.77
CA ALA B 50 30.48 -10.98 18.00
C ALA B 50 30.42 -9.56 18.59
N ILE B 51 29.39 -8.81 18.20
CA ILE B 51 29.32 -7.39 18.56
C ILE B 51 28.31 -7.09 19.68
N LEU B 52 27.61 -8.11 20.17
CA LEU B 52 26.69 -7.86 21.25
C LEU B 52 27.49 -7.54 22.49
N GLY B 53 27.04 -6.56 23.26
CA GLY B 53 27.73 -6.08 24.43
C GLY B 53 27.23 -4.68 24.75
N ASP B 54 28.12 -3.82 25.19
CA ASP B 54 27.73 -2.51 25.66
C ASP B 54 27.24 -1.63 24.55
N ARG B 55 27.69 -1.89 23.32
CA ARG B 55 27.37 -1.06 22.17
C ARG B 55 26.14 -1.54 21.45
N VAL B 56 25.87 -2.83 21.52
CA VAL B 56 24.75 -3.40 20.77
C VAL B 56 23.98 -4.38 21.63
N GLU B 57 22.70 -4.12 21.78
CA GLU B 57 21.81 -4.98 22.52
C GLU B 57 20.78 -5.61 21.58
N LEU B 58 20.51 -6.89 21.80
CA LEU B 58 19.42 -7.55 21.17
C LEU B 58 18.23 -7.70 22.10
N VAL B 59 17.08 -7.21 21.64
CA VAL B 59 15.80 -7.34 22.30
C VAL B 59 14.94 -8.20 21.39
N VAL B 60 14.52 -9.38 21.91
CA VAL B 60 13.72 -10.32 21.14
C VAL B 60 12.25 -9.93 21.28
N GLY B 61 11.65 -9.57 20.17
CA GLY B 61 10.26 -9.21 20.19
C GLY B 61 9.76 -8.82 18.82
N ASP B 62 8.47 -8.48 18.77
CA ASP B 62 7.78 -8.25 17.53
C ASP B 62 7.62 -6.74 17.32
N ILE B 63 7.88 -6.24 16.12
CA ILE B 63 7.62 -4.84 15.80
C ILE B 63 6.17 -4.49 15.89
N ALA B 64 5.28 -5.48 15.89
CA ALA B 64 3.85 -5.17 16.05
C ALA B 64 3.39 -5.13 17.52
N ASP B 65 4.31 -5.37 18.44
CA ASP B 65 4.04 -5.32 19.90
C ASP B 65 4.22 -3.86 20.34
N ALA B 66 3.11 -3.15 20.38
CA ALA B 66 3.11 -1.72 20.61
C ALA B 66 3.71 -1.35 21.96
N GLU B 67 3.47 -2.19 22.99
CA GLU B 67 3.97 -1.86 24.34
C GLU B 67 5.50 -1.93 24.35
N LEU B 68 6.03 -2.97 23.72
CA LEU B 68 7.48 -3.15 23.64
C LEU B 68 8.08 -2.06 22.79
N VAL B 69 7.51 -1.80 21.62
CA VAL B 69 8.04 -0.76 20.77
C VAL B 69 8.06 0.56 21.50
N ASP B 70 7.02 0.81 22.31
CA ASP B 70 6.90 2.08 23.01
C ASP B 70 8.06 2.25 23.99
N LYS B 71 8.36 1.18 24.70
CA LYS B 71 9.42 1.18 25.72
C LYS B 71 10.76 1.47 25.08
N LEU B 72 11.02 0.84 23.93
CA LEU B 72 12.28 1.05 23.24
C LEU B 72 12.36 2.42 22.57
N ALA B 73 11.28 2.86 21.95
CA ALA B 73 11.28 4.11 21.22
C ALA B 73 11.44 5.25 22.17
N ALA B 74 11.02 5.10 23.44
CA ALA B 74 11.13 6.21 24.39
C ALA B 74 12.57 6.55 24.69
N LYS B 75 13.47 5.61 24.39
CA LYS B 75 14.89 5.74 24.69
C LYS B 75 15.76 5.92 23.44
N ALA B 76 15.14 6.13 22.29
CA ALA B 76 15.86 6.14 21.02
C ALA B 76 15.83 7.49 20.32
N ASP B 77 16.79 7.75 19.44
CA ASP B 77 16.72 8.96 18.63
C ASP B 77 16.55 8.65 17.14
N ALA B 78 16.49 7.38 16.77
CA ALA B 78 16.15 7.02 15.40
C ALA B 78 15.78 5.54 15.36
N ILE B 79 15.03 5.19 14.33
CA ILE B 79 14.67 3.83 14.04
C ILE B 79 15.05 3.58 12.59
N VAL B 80 15.82 2.54 12.34
CA VAL B 80 16.15 2.03 10.99
C VAL B 80 15.45 0.70 10.88
N HIS B 81 14.49 0.61 9.96
CA HIS B 81 13.55 -0.48 9.88
C HIS B 81 13.78 -1.49 8.80
N TYR B 82 14.41 -2.59 9.18
CA TYR B 82 14.70 -3.73 8.29
C TYR B 82 13.72 -4.90 8.51
N ALA B 83 13.02 -4.95 9.65
CA ALA B 83 12.20 -6.11 9.97
C ALA B 83 11.12 -6.35 8.94
N ALA B 84 11.13 -7.53 8.37
CA ALA B 84 10.17 -7.92 7.34
C ALA B 84 10.19 -9.43 7.15
N GLU B 85 9.05 -9.95 6.71
CA GLU B 85 9.07 -11.22 6.01
C GLU B 85 9.53 -10.88 4.60
N SER B 86 10.63 -11.51 4.17
CA SER B 86 11.39 -11.04 3.02
C SER B 86 11.36 -11.92 1.80
N HIS B 87 10.71 -13.09 1.85
CA HIS B 87 10.89 -14.08 0.76
C HIS B 87 9.62 -14.22 -0.09
N ASN B 88 9.75 -13.87 -1.37
CA ASN B 88 8.65 -14.02 -2.27
C ASN B 88 7.98 -15.40 -2.26
N ASP B 89 8.77 -16.45 -2.26
CA ASP B 89 8.21 -17.84 -2.31
C ASP B 89 7.43 -18.18 -1.06
N ASN B 90 7.88 -17.71 0.10
CA ASN B 90 7.09 -17.90 1.32
C ASN B 90 5.75 -17.17 1.26
N SER B 91 5.79 -15.98 0.66
CA SER B 91 4.59 -15.14 0.57
C SER B 91 3.54 -15.73 -0.33
N LEU B 92 3.96 -16.51 -1.32
CA LEU B 92 3.01 -17.19 -2.19
C LEU B 92 2.41 -18.41 -1.51
N ASN B 93 3.14 -19.03 -0.57
CA ASN B 93 2.62 -20.15 0.20
C ASN B 93 1.75 -19.73 1.36
N ASP B 94 2.12 -18.63 2.03
CA ASP B 94 1.33 -18.18 3.17
C ASP B 94 1.60 -16.68 3.40
N PRO B 95 0.72 -15.88 2.83
CA PRO B 95 0.85 -14.43 2.99
C PRO B 95 0.66 -13.86 4.36
N SER B 96 0.07 -14.63 5.28
CA SER B 96 -0.36 -14.07 6.56
C SER B 96 0.74 -13.31 7.35
N PRO B 97 1.92 -13.88 7.51
CA PRO B 97 2.96 -13.14 8.24
C PRO B 97 3.48 -11.87 7.54
N PHE B 98 3.32 -11.83 6.23
CA PHE B 98 3.67 -10.63 5.46
C PHE B 98 2.74 -9.49 5.78
N ILE B 99 1.45 -9.80 5.88
CA ILE B 99 0.45 -8.81 6.24
C ILE B 99 0.79 -8.26 7.63
N HIS B 100 1.02 -9.16 8.57
CA HIS B 100 1.24 -8.79 9.98
C HIS B 100 2.54 -7.94 10.12
N THR B 101 3.62 -8.47 9.61
CA THR B 101 4.90 -7.87 9.87
C THR B 101 5.17 -6.69 8.99
N ASN B 102 4.95 -6.85 7.68
CA ASN B 102 5.37 -5.81 6.76
C ASN B 102 4.47 -4.58 6.87
N PHE B 103 3.17 -4.79 7.07
CA PHE B 103 2.28 -3.67 7.12
C PHE B 103 1.95 -3.27 8.53
N ILE B 104 1.37 -4.19 9.34
CA ILE B 104 1.03 -3.85 10.71
C ILE B 104 2.25 -3.45 11.55
N GLY B 105 3.37 -4.13 11.31
CA GLY B 105 4.61 -3.83 11.98
C GLY B 105 5.08 -2.44 11.66
N THR B 106 5.07 -2.10 10.38
CA THR B 106 5.50 -0.77 9.99
C THR B 106 4.61 0.31 10.60
N TYR B 107 3.28 0.11 10.55
CA TYR B 107 2.36 0.99 11.19
C TYR B 107 2.67 1.24 12.66
N THR B 108 2.97 0.16 13.37
CA THR B 108 3.18 0.25 14.79
C THR B 108 4.45 1.12 15.07
N LEU B 109 5.48 0.93 14.26
CA LEU B 109 6.72 1.65 14.43
C LEU B 109 6.54 3.12 14.04
N LEU B 110 5.76 3.39 13.01
CA LEU B 110 5.43 4.75 12.64
C LEU B 110 4.72 5.49 13.75
N GLU B 111 3.77 4.84 14.41
CA GLU B 111 3.07 5.49 15.44
C GLU B 111 4.00 5.82 16.62
N ALA B 112 4.97 4.96 16.89
CA ALA B 112 6.02 5.26 17.90
C ALA B 112 6.91 6.39 17.49
N ALA B 113 7.30 6.42 16.21
CA ALA B 113 8.09 7.51 15.72
C ALA B 113 7.35 8.83 15.80
N ARG B 114 6.03 8.80 15.59
CA ARG B 114 5.22 10.01 15.70
C ARG B 114 5.11 10.46 17.15
N LYS B 115 4.88 9.50 18.03
CA LYS B 115 4.72 9.77 19.45
C LYS B 115 5.96 10.45 20.04
N TYR B 116 7.14 9.91 19.71
CA TYR B 116 8.40 10.42 20.29
C TYR B 116 9.12 11.45 19.39
N ASP B 117 8.57 11.69 18.21
CA ASP B 117 9.13 12.63 17.25
C ASP B 117 10.58 12.27 16.90
N ILE B 118 10.79 11.03 16.54
CA ILE B 118 12.13 10.59 16.18
C ILE B 118 12.25 10.21 14.72
N ARG B 119 13.50 10.16 14.27
CA ARG B 119 13.88 9.87 12.90
C ARG B 119 13.54 8.46 12.55
N PHE B 120 13.00 8.23 11.34
CA PHE B 120 12.60 6.91 10.92
C PHE B 120 13.13 6.67 9.52
N HIS B 121 13.85 5.60 9.29
CA HIS B 121 14.27 5.23 7.95
C HIS B 121 13.74 3.89 7.58
N HIS B 122 12.90 3.89 6.53
CA HIS B 122 12.22 2.71 6.07
C HIS B 122 13.03 2.00 4.98
N VAL B 123 13.45 0.75 5.24
CA VAL B 123 14.28 0.00 4.31
C VAL B 123 13.34 -0.80 3.43
N SER B 124 13.32 -0.48 2.14
CA SER B 124 12.46 -1.14 1.22
C SER B 124 13.22 -1.61 -0.05
N THR B 125 12.44 -2.05 -1.05
CA THR B 125 12.94 -2.87 -2.09
C THR B 125 12.53 -2.33 -3.42
N ASP B 126 13.29 -2.68 -4.45
CA ASP B 126 12.97 -2.37 -5.82
C ASP B 126 11.72 -3.09 -6.33
N GLU B 127 11.32 -4.17 -5.68
CA GLU B 127 10.17 -4.95 -6.13
C GLU B 127 8.86 -4.16 -6.02
N VAL B 128 8.85 -3.06 -5.28
CA VAL B 128 7.63 -2.26 -5.21
C VAL B 128 7.20 -1.70 -6.54
N TYR B 129 8.13 -1.62 -7.50
CA TYR B 129 7.86 -1.03 -8.81
C TYR B 129 7.40 -2.03 -9.84
N GLY B 130 7.36 -3.29 -9.45
CA GLY B 130 6.96 -4.32 -10.39
C GLY B 130 8.15 -4.80 -11.17
N ASP B 131 7.87 -5.15 -12.40
CA ASP B 131 8.73 -5.75 -13.41
C ASP B 131 9.04 -4.85 -14.57
N LEU B 132 10.13 -5.17 -15.21
CA LEU B 132 10.53 -4.54 -16.48
C LEU B 132 10.83 -5.61 -17.51
N PRO B 133 10.69 -5.25 -18.79
CA PRO B 133 11.19 -6.11 -19.87
C PRO B 133 12.69 -6.25 -19.86
N LEU B 134 13.16 -7.32 -20.48
CA LEU B 134 14.56 -7.51 -20.69
C LEU B 134 15.11 -6.43 -21.60
N ARG B 135 16.41 -6.19 -21.50
CA ARG B 135 17.04 -5.14 -22.28
C ARG B 135 16.89 -5.33 -23.78
N GLU B 136 16.99 -6.58 -24.23
CA GLU B 136 16.90 -6.87 -25.67
C GLU B 136 15.54 -6.49 -26.23
N ASP B 137 14.56 -6.36 -25.35
CA ASP B 137 13.22 -6.03 -25.72
C ASP B 137 12.82 -4.56 -25.49
N LEU B 138 13.80 -3.72 -25.20
CA LEU B 138 13.54 -2.31 -24.88
C LEU B 138 14.17 -1.44 -25.93
N PRO B 139 13.44 -0.40 -26.35
CA PRO B 139 13.98 0.46 -27.42
C PRO B 139 15.29 1.15 -27.08
N GLY B 140 15.56 1.39 -25.82
CA GLY B 140 16.84 1.96 -25.40
C GLY B 140 17.81 0.96 -24.78
N HIS B 141 17.52 -0.34 -24.90
CA HIS B 141 18.41 -1.39 -24.40
C HIS B 141 18.71 -1.24 -22.93
N GLY B 142 17.75 -0.76 -22.15
CA GLY B 142 17.98 -0.56 -20.73
C GLY B 142 18.43 0.84 -20.30
N GLU B 143 18.84 1.69 -21.23
CA GLU B 143 19.44 3.00 -20.92
C GLU B 143 18.47 4.15 -21.15
N GLY B 144 17.29 3.85 -21.62
CA GLY B 144 16.32 4.88 -21.88
C GLY B 144 15.50 5.26 -20.68
N PRO B 145 14.75 6.35 -20.78
CA PRO B 145 13.88 6.74 -19.67
C PRO B 145 12.77 5.70 -19.43
N GLY B 146 12.61 5.32 -18.18
CA GLY B 146 11.67 4.29 -17.78
C GLY B 146 12.14 2.85 -17.95
N GLU B 147 13.36 2.64 -18.45
CA GLU B 147 13.88 1.30 -18.65
C GLU B 147 14.64 0.81 -17.44
N LYS B 148 14.78 1.69 -16.45
CA LYS B 148 15.23 1.33 -15.10
C LYS B 148 14.28 2.04 -14.18
N PHE B 149 14.22 1.59 -12.97
CA PHE B 149 13.43 2.24 -11.93
C PHE B 149 14.12 3.52 -11.45
N THR B 150 13.32 4.53 -11.21
CA THR B 150 13.75 5.77 -10.61
C THR B 150 12.80 6.08 -9.47
N ALA B 151 13.10 7.15 -8.74
CA ALA B 151 12.24 7.53 -7.62
C ALA B 151 10.87 8.01 -8.08
N GLU B 152 10.71 8.26 -9.36
CA GLU B 152 9.46 8.66 -9.96
C GLU B 152 8.65 7.49 -10.57
N THR B 153 9.17 6.28 -10.48
CA THR B 153 8.50 5.15 -11.09
C THR B 153 7.24 4.77 -10.27
N ASN B 154 6.17 4.43 -10.97
CA ASN B 154 4.93 3.95 -10.37
C ASN B 154 5.16 2.68 -9.55
N TYR B 155 4.45 2.59 -8.41
CA TYR B 155 4.39 1.35 -7.69
C TYR B 155 3.51 0.43 -8.48
N ASN B 156 3.94 -0.81 -8.58
CA ASN B 156 3.19 -1.85 -9.26
C ASN B 156 3.61 -3.25 -8.85
N PRO B 157 3.49 -3.53 -7.52
CA PRO B 157 4.01 -4.79 -7.01
C PRO B 157 3.26 -6.02 -7.45
N SER B 158 4.00 -7.12 -7.60
CA SER B 158 3.46 -8.33 -8.15
C SER B 158 3.01 -9.39 -7.16
N SER B 159 3.60 -9.44 -5.98
CA SER B 159 3.40 -10.55 -5.06
C SER B 159 2.89 -10.12 -3.70
N PRO B 160 2.48 -11.07 -2.85
CA PRO B 160 2.13 -10.69 -1.47
C PRO B 160 3.32 -10.05 -0.74
N TYR B 161 4.52 -10.55 -0.96
CA TYR B 161 5.70 -9.88 -0.38
C TYR B 161 5.84 -8.45 -0.88
N SER B 162 5.89 -8.26 -2.19
CA SER B 162 6.24 -6.96 -2.69
C SER B 162 5.11 -5.97 -2.52
N SER B 163 3.86 -6.44 -2.49
CA SER B 163 2.74 -5.54 -2.28
C SER B 163 2.65 -5.12 -0.81
N THR B 164 3.01 -5.99 0.12
CA THR B 164 3.04 -5.55 1.52
C THR B 164 4.18 -4.58 1.77
N LYS B 165 5.32 -4.79 1.12
CA LYS B 165 6.37 -3.80 1.15
C LYS B 165 5.92 -2.47 0.61
N ALA B 166 5.35 -2.46 -0.60
CA ALA B 166 4.85 -1.27 -1.22
C ALA B 166 3.85 -0.56 -0.34
N ALA B 167 2.95 -1.33 0.23
CA ALA B 167 1.95 -0.79 1.14
C ALA B 167 2.60 -0.09 2.33
N SER B 168 3.63 -0.70 2.86
CA SER B 168 4.35 -0.08 3.99
C SER B 168 4.99 1.21 3.55
N ASP B 169 5.56 1.24 2.34
CA ASP B 169 6.13 2.48 1.84
C ASP B 169 5.07 3.60 1.75
N LEU B 170 3.86 3.26 1.32
CA LEU B 170 2.81 4.24 1.15
C LEU B 170 2.41 4.84 2.48
N ILE B 171 2.32 4.04 3.56
CA ILE B 171 1.93 4.61 4.83
C ILE B 171 3.05 5.41 5.41
N VAL B 172 4.29 5.04 5.16
CA VAL B 172 5.39 5.91 5.62
C VAL B 172 5.26 7.29 5.03
N LYS B 173 5.04 7.36 3.72
CA LYS B 173 4.98 8.67 3.07
C LYS B 173 3.80 9.45 3.56
N ALA B 174 2.65 8.80 3.79
CA ALA B 174 1.49 9.51 4.27
C ALA B 174 1.68 10.01 5.68
N TRP B 175 2.41 9.25 6.50
CA TRP B 175 2.74 9.71 7.83
C TRP B 175 3.65 10.96 7.84
N VAL B 176 4.51 11.04 6.85
CA VAL B 176 5.26 12.27 6.63
C VAL B 176 4.35 13.46 6.34
N ARG B 177 3.47 13.29 5.37
CA ARG B 177 2.66 14.41 4.89
C ARG B 177 1.65 14.80 5.91
N SER B 178 1.08 13.79 6.60
CA SER B 178 -0.05 14.06 7.49
C SER B 178 0.38 14.44 8.92
N PHE B 179 1.48 13.86 9.34
CA PHE B 179 1.86 13.98 10.75
C PHE B 179 3.26 14.58 10.98
N GLY B 180 3.99 14.81 9.90
CA GLY B 180 5.33 15.36 10.02
C GLY B 180 6.34 14.35 10.55
N VAL B 181 6.10 13.04 10.42
CA VAL B 181 7.08 12.07 10.78
C VAL B 181 8.39 12.34 10.01
N LYS B 182 9.51 12.22 10.70
CA LYS B 182 10.83 12.51 10.13
C LYS B 182 11.35 11.24 9.44
N ALA B 183 10.69 10.87 8.36
CA ALA B 183 10.96 9.64 7.62
C ALA B 183 11.62 9.84 6.30
N THR B 184 12.46 8.87 5.93
CA THR B 184 12.95 8.64 4.58
C THR B 184 12.74 7.18 4.23
N ILE B 185 12.87 6.89 2.95
CA ILE B 185 12.68 5.55 2.42
C ILE B 185 13.84 5.27 1.48
N SER B 186 14.36 4.06 1.52
CA SER B 186 15.26 3.56 0.49
C SER B 186 14.65 2.37 -0.20
N ASN B 187 14.85 2.24 -1.51
CA ASN B 187 14.42 1.09 -2.24
C ASN B 187 15.67 0.59 -2.90
N CYS B 188 16.06 -0.63 -2.55
CA CYS B 188 17.32 -1.20 -2.97
C CYS B 188 17.09 -2.43 -3.82
N SER B 189 18.03 -2.65 -4.69
CA SER B 189 18.08 -3.84 -5.54
C SER B 189 18.54 -5.07 -4.72
N ASN B 190 18.58 -6.24 -5.37
CA ASN B 190 18.91 -7.52 -4.73
C ASN B 190 20.28 -7.51 -4.04
N ASN B 191 20.29 -7.73 -2.73
CA ASN B 191 21.54 -7.84 -2.00
C ASN B 191 22.09 -9.24 -2.06
N TYR B 192 23.40 -9.36 -1.92
CA TYR B 192 24.05 -10.63 -1.71
C TYR B 192 25.23 -10.34 -0.78
N GLY B 193 25.75 -11.40 -0.21
CA GLY B 193 26.91 -11.35 0.64
C GLY B 193 26.75 -12.38 1.76
N PRO B 194 27.66 -12.29 2.69
CA PRO B 194 27.63 -13.15 3.86
C PRO B 194 26.43 -12.95 4.73
N TYR B 195 26.04 -14.02 5.39
CA TYR B 195 24.92 -14.10 6.33
C TYR B 195 23.53 -14.08 5.70
N GLN B 196 23.45 -14.26 4.38
CA GLN B 196 22.12 -14.36 3.75
C GLN B 196 21.51 -15.76 3.97
N HIS B 197 20.25 -15.82 4.35
CA HIS B 197 19.57 -17.11 4.59
C HIS B 197 19.59 -18.00 3.34
N ILE B 198 19.80 -19.29 3.56
CA ILE B 198 20.01 -20.22 2.45
C ILE B 198 18.75 -20.54 1.64
N GLU B 199 17.64 -19.90 1.96
CA GLU B 199 16.46 -19.97 1.10
C GLU B 199 16.60 -19.11 -0.14
N LYS B 200 17.47 -18.12 -0.09
CA LYS B 200 17.57 -17.15 -1.16
C LYS B 200 18.51 -17.67 -2.23
N PHE B 201 18.38 -17.08 -3.39
CA PHE B 201 18.97 -17.65 -4.63
C PHE B 201 20.44 -17.95 -4.54
N ILE B 202 21.27 -16.95 -4.29
CA ILE B 202 22.71 -17.18 -4.31
C ILE B 202 23.15 -18.19 -3.23
N PRO B 203 22.82 -17.97 -1.98
CA PRO B 203 23.25 -18.89 -0.94
C PRO B 203 22.63 -20.28 -1.10
N ARG B 204 21.40 -20.39 -1.61
CA ARG B 204 20.86 -21.72 -1.88
C ARG B 204 21.74 -22.51 -2.84
N GLN B 205 22.21 -21.88 -3.90
CA GLN B 205 22.99 -22.63 -4.91
C GLN B 205 24.35 -22.99 -4.33
N ILE B 206 25.02 -22.03 -3.71
CA ILE B 206 26.33 -22.26 -3.11
C ILE B 206 26.28 -23.41 -2.09
N THR B 207 25.30 -23.37 -1.18
CA THR B 207 25.22 -24.35 -0.12
C THR B 207 24.66 -25.68 -0.60
N ASN B 208 23.82 -25.67 -1.65
CA ASN B 208 23.43 -26.93 -2.28
C ASN B 208 24.67 -27.62 -2.80
N ILE B 209 25.57 -26.90 -3.47
CA ILE B 209 26.78 -27.51 -4.03
C ILE B 209 27.66 -28.10 -2.90
N LEU B 210 27.80 -27.31 -1.83
CA LEU B 210 28.62 -27.70 -0.67
C LEU B 210 28.05 -28.95 0.02
N ALA B 211 26.73 -29.08 0.00
CA ALA B 211 26.00 -30.19 0.62
C ALA B 211 25.80 -31.41 -0.32
N GLY B 212 26.27 -31.29 -1.55
CA GLY B 212 26.08 -32.33 -2.56
C GLY B 212 24.68 -32.47 -3.13
N ILE B 213 23.96 -31.36 -3.21
CA ILE B 213 22.63 -31.29 -3.79
C ILE B 213 22.74 -30.38 -5.02
N LYS B 214 21.97 -30.69 -6.04
CA LYS B 214 21.99 -29.92 -7.28
C LYS B 214 21.41 -28.52 -7.02
N PRO B 215 22.07 -27.49 -7.53
CA PRO B 215 21.42 -26.17 -7.64
C PRO B 215 20.10 -26.26 -8.43
N LYS B 216 19.27 -25.25 -8.21
CA LYS B 216 17.91 -25.19 -8.72
C LYS B 216 17.68 -23.85 -9.38
N LEU B 217 17.32 -23.89 -10.66
CA LEU B 217 17.08 -22.67 -11.45
C LEU B 217 15.60 -22.63 -11.86
N TYR B 218 14.94 -21.55 -11.54
CA TYR B 218 13.52 -21.42 -11.84
C TYR B 218 13.35 -21.19 -13.34
N GLY B 219 12.62 -22.08 -14.00
CA GLY B 219 12.45 -22.01 -15.44
C GLY B 219 13.78 -22.02 -16.15
N GLU B 220 13.89 -21.24 -17.22
CA GLU B 220 15.13 -21.17 -17.99
C GLU B 220 16.13 -20.16 -17.42
N GLY B 221 15.76 -19.45 -16.35
CA GLY B 221 16.68 -18.51 -15.76
C GLY B 221 16.93 -17.20 -16.48
N LYS B 222 15.97 -16.76 -17.30
CA LYS B 222 16.17 -15.51 -18.03
C LYS B 222 15.89 -14.26 -17.17
N ASN B 223 15.30 -14.46 -16.00
CA ASN B 223 14.97 -13.35 -15.15
C ASN B 223 16.24 -12.62 -14.75
N VAL B 224 16.13 -11.30 -14.57
CA VAL B 224 17.26 -10.42 -14.34
C VAL B 224 17.09 -9.71 -12.98
N ARG B 225 18.13 -9.82 -12.19
CA ARG B 225 18.18 -9.13 -10.89
C ARG B 225 19.42 -8.19 -10.91
N ASP B 226 19.32 -7.06 -10.19
CA ASP B 226 20.39 -6.06 -10.18
C ASP B 226 21.12 -6.17 -8.84
N TRP B 227 22.28 -6.80 -8.85
CA TRP B 227 22.91 -7.32 -7.63
C TRP B 227 23.76 -6.22 -7.00
N ILE B 228 23.62 -6.05 -5.68
CA ILE B 228 24.44 -5.13 -4.89
C ILE B 228 24.93 -5.85 -3.64
N HIS B 229 26.17 -5.61 -3.29
CA HIS B 229 26.71 -6.20 -2.08
C HIS B 229 26.12 -5.49 -0.88
N THR B 230 25.73 -6.27 0.12
CA THR B 230 25.09 -5.72 1.29
C THR B 230 25.92 -4.62 1.95
N ASN B 231 27.23 -4.67 1.82
CA ASN B 231 28.05 -3.63 2.41
C ASN B 231 27.74 -2.23 1.80
N ASP B 232 27.44 -2.20 0.51
CA ASP B 232 27.11 -0.95 -0.18
C ASP B 232 25.71 -0.51 0.15
N HIS B 233 24.82 -1.48 0.43
CA HIS B 233 23.51 -1.16 0.97
C HIS B 233 23.63 -0.46 2.31
N SER B 234 24.52 -0.94 3.17
CA SER B 234 24.70 -0.38 4.52
C SER B 234 25.15 1.09 4.40
N THR B 235 26.13 1.36 3.54
CA THR B 235 26.63 2.73 3.47
C THR B 235 25.56 3.64 2.84
N GLY B 236 24.75 3.09 1.93
CA GLY B 236 23.66 3.81 1.32
C GLY B 236 22.66 4.24 2.38
N VAL B 237 22.22 3.28 3.16
CA VAL B 237 21.26 3.57 4.25
C VAL B 237 21.85 4.58 5.21
N TRP B 238 23.14 4.42 5.56
CA TRP B 238 23.77 5.42 6.44
C TRP B 238 23.71 6.83 5.86
N ALA B 239 24.03 6.97 4.57
CA ALA B 239 23.96 8.25 3.89
C ALA B 239 22.59 8.89 3.95
N ILE B 240 21.56 8.06 3.76
CA ILE B 240 20.20 8.58 3.73
C ILE B 240 19.75 8.94 5.16
N LEU B 241 20.02 8.05 6.08
CA LEU B 241 19.68 8.29 7.49
C LEU B 241 20.27 9.65 7.94
N THR B 242 21.53 9.88 7.60
CA THR B 242 22.21 11.08 8.12
C THR B 242 22.10 12.34 7.31
N LYS B 243 21.88 12.21 6.01
CA LYS B 243 21.92 13.36 5.08
C LYS B 243 20.70 13.47 4.18
N GLY B 244 19.82 12.49 4.19
CA GLY B 244 18.66 12.49 3.34
C GLY B 244 17.67 13.61 3.66
N ARG B 245 16.99 14.08 2.63
CA ARG B 245 15.98 15.08 2.77
C ARG B 245 14.76 14.43 3.27
N MET B 246 14.19 15.05 4.26
CA MET B 246 13.03 14.47 4.90
C MET B 246 11.92 14.23 3.92
N GLY B 247 11.28 13.06 3.99
CA GLY B 247 10.18 12.65 3.16
C GLY B 247 10.51 12.04 1.80
N GLU B 248 11.79 12.04 1.45
CA GLU B 248 12.24 11.58 0.15
C GLU B 248 12.54 10.09 0.09
N THR B 249 12.45 9.57 -1.10
CA THR B 249 12.83 8.23 -1.43
C THR B 249 14.15 8.25 -2.22
N TYR B 250 15.07 7.37 -1.86
CA TYR B 250 16.32 7.21 -2.55
C TYR B 250 16.40 5.76 -2.99
N LEU B 251 16.90 5.55 -4.19
CA LEU B 251 17.11 4.23 -4.70
C LEU B 251 18.55 3.86 -4.61
N ILE B 252 18.80 2.60 -4.25
CA ILE B 252 20.15 2.13 -4.06
C ILE B 252 20.38 0.97 -4.99
N GLY B 253 21.45 1.07 -5.76
CA GLY B 253 21.82 0.04 -6.69
C GLY B 253 23.23 0.30 -7.15
N ALA B 254 23.85 -0.73 -7.72
CA ALA B 254 25.26 -0.70 -8.07
C ALA B 254 25.51 -1.06 -9.55
N ASP B 255 24.45 -0.99 -10.36
CA ASP B 255 24.55 -1.25 -11.82
C ASP B 255 25.12 -2.65 -12.05
N GLY B 256 24.42 -3.63 -11.52
CA GLY B 256 24.83 -5.01 -11.52
C GLY B 256 23.83 -6.02 -12.06
N GLU B 257 23.14 -5.68 -13.15
CA GLU B 257 22.14 -6.57 -13.73
C GLU B 257 22.79 -7.86 -14.24
N LYS B 258 22.26 -9.01 -13.85
CA LYS B 258 22.63 -10.29 -14.42
C LYS B 258 21.40 -11.22 -14.45
N ASN B 259 21.29 -12.11 -15.45
CA ASN B 259 20.21 -13.10 -15.39
C ASN B 259 20.62 -14.25 -14.49
N ASN B 260 19.62 -14.95 -13.98
CA ASN B 260 19.82 -15.97 -12.99
C ASN B 260 20.70 -17.07 -13.57
N LYS B 261 20.51 -17.41 -14.83
CA LYS B 261 21.31 -18.48 -15.47
C LYS B 261 22.81 -18.11 -15.41
N GLU B 262 23.11 -16.84 -15.70
CA GLU B 262 24.49 -16.39 -15.72
C GLU B 262 25.11 -16.46 -14.32
N VAL B 263 24.32 -16.09 -13.32
CA VAL B 263 24.81 -16.11 -11.95
C VAL B 263 25.06 -17.56 -11.54
N LEU B 264 24.10 -18.45 -11.81
CA LEU B 264 24.29 -19.84 -11.47
C LEU B 264 25.51 -20.43 -12.19
N GLU B 265 25.68 -20.09 -13.47
CA GLU B 265 26.82 -20.65 -14.24
C GLU B 265 28.13 -20.15 -13.65
N LEU B 266 28.17 -18.90 -13.20
CA LEU B 266 29.35 -18.40 -12.54
C LEU B 266 29.61 -19.14 -11.23
N ILE B 267 28.56 -19.41 -10.44
CA ILE B 267 28.72 -20.14 -9.19
C ILE B 267 29.30 -21.54 -9.47
N LEU B 268 28.76 -22.18 -10.51
CA LEU B 268 29.19 -23.52 -10.86
C LEU B 268 30.67 -23.48 -11.25
N GLU B 269 31.06 -22.52 -12.08
CA GLU B 269 32.44 -22.42 -12.53
C GLU B 269 33.41 -22.17 -11.37
N LYS B 270 33.02 -21.29 -10.46
CA LYS B 270 33.90 -20.96 -9.33
C LYS B 270 34.06 -22.10 -8.33
N MET B 271 33.06 -22.98 -8.26
CA MET B 271 33.03 -24.10 -7.35
C MET B 271 33.44 -25.42 -8.04
N GLY B 272 33.97 -25.31 -9.26
CA GLY B 272 34.58 -26.45 -9.96
C GLY B 272 33.57 -27.51 -10.37
N GLN B 273 32.33 -27.08 -10.64
CA GLN B 273 31.26 -27.97 -11.05
C GLN B 273 31.05 -27.85 -12.56
N PRO B 274 30.56 -28.91 -13.19
CA PRO B 274 30.20 -28.85 -14.61
C PRO B 274 29.11 -27.84 -14.88
N LYS B 275 29.10 -27.26 -16.07
CA LYS B 275 28.12 -26.22 -16.42
C LYS B 275 26.66 -26.70 -16.53
N ASP B 276 26.46 -28.00 -16.67
CA ASP B 276 25.11 -28.57 -16.69
C ASP B 276 24.68 -29.21 -15.36
N ALA B 277 25.48 -29.10 -14.30
CA ALA B 277 25.18 -29.78 -13.03
C ALA B 277 24.19 -28.97 -12.17
N TYR B 278 22.97 -28.87 -12.65
CA TYR B 278 21.88 -28.21 -11.91
C TYR B 278 20.56 -28.70 -12.46
N ASP B 279 19.46 -28.42 -11.77
CA ASP B 279 18.14 -28.80 -12.23
C ASP B 279 17.36 -27.53 -12.57
N HIS B 280 16.63 -27.53 -13.70
CA HIS B 280 15.54 -26.56 -13.88
C HIS B 280 14.38 -27.03 -13.03
N VAL B 281 13.71 -26.09 -12.38
CA VAL B 281 12.58 -26.43 -11.54
C VAL B 281 11.39 -25.53 -11.85
N THR B 282 10.26 -25.95 -11.30
CA THR B 282 9.01 -25.19 -11.39
C THR B 282 9.21 -23.69 -11.22
N ASP B 283 8.71 -22.91 -12.19
CA ASP B 283 8.87 -21.46 -12.12
C ASP B 283 7.93 -20.86 -11.08
N ARG B 284 8.28 -19.65 -10.63
CA ARG B 284 7.51 -19.00 -9.58
C ARG B 284 6.27 -18.34 -10.14
N ALA B 285 5.17 -18.48 -9.44
CA ALA B 285 3.91 -17.82 -9.82
C ALA B 285 4.09 -16.29 -9.87
N GLY B 286 3.67 -15.69 -10.98
CA GLY B 286 3.76 -14.25 -11.17
C GLY B 286 5.20 -13.71 -11.22
N HIS B 287 6.18 -14.60 -11.46
CA HIS B 287 7.62 -14.26 -11.38
C HIS B 287 7.93 -12.93 -12.08
N ASP B 288 8.56 -12.02 -11.36
CA ASP B 288 9.01 -10.79 -11.93
C ASP B 288 10.19 -11.01 -12.89
N LEU B 289 10.11 -10.40 -14.07
CA LEU B 289 11.09 -10.59 -15.13
C LEU B 289 12.43 -9.91 -14.85
N ARG B 290 12.50 -8.57 -15.02
CA ARG B 290 13.76 -7.85 -14.80
C ARG B 290 13.54 -6.69 -13.81
N TYR B 291 14.48 -6.54 -12.91
CA TYR B 291 14.57 -5.40 -12.00
C TYR B 291 15.88 -4.66 -12.31
N ALA B 292 15.83 -3.34 -12.23
CA ALA B 292 17.03 -2.53 -12.53
C ALA B 292 16.83 -1.19 -11.91
N ILE B 293 17.86 -0.70 -11.22
CA ILE B 293 17.79 0.57 -10.47
C ILE B 293 18.71 1.60 -11.06
N ASP B 294 18.17 2.80 -11.24
CA ASP B 294 18.98 3.99 -11.48
C ASP B 294 19.18 4.70 -10.16
N ALA B 295 20.40 4.67 -9.64
CA ALA B 295 20.69 5.22 -8.32
C ALA B 295 21.26 6.65 -8.39
N SER B 296 20.95 7.36 -9.46
CA SER B 296 21.45 8.73 -9.70
C SER B 296 21.18 9.70 -8.58
N LYS B 297 19.97 9.66 -8.02
CA LYS B 297 19.60 10.63 -7.01
C LYS B 297 20.51 10.49 -5.76
N LEU B 298 20.70 9.27 -5.29
CA LEU B 298 21.52 9.02 -4.15
C LEU B 298 22.96 9.41 -4.42
N ARG B 299 23.44 9.02 -5.58
CA ARG B 299 24.83 9.31 -5.94
C ARG B 299 25.06 10.81 -6.03
N ASP B 300 24.14 11.52 -6.66
CA ASP B 300 24.36 12.95 -7.01
C ASP B 300 24.05 13.85 -5.81
N GLU B 301 23.05 13.51 -5.02
CA GLU B 301 22.61 14.39 -3.95
C GLU B 301 23.39 14.11 -2.68
N LEU B 302 23.72 12.84 -2.43
CA LEU B 302 24.34 12.49 -1.14
C LEU B 302 25.79 12.07 -1.25
N GLY B 303 26.32 11.93 -2.46
CA GLY B 303 27.72 11.63 -2.65
C GLY B 303 28.09 10.18 -2.39
N TRP B 304 27.10 9.29 -2.38
CA TRP B 304 27.33 7.87 -2.14
C TRP B 304 27.83 7.20 -3.42
N THR B 305 28.75 6.28 -3.24
CA THR B 305 29.18 5.41 -4.36
C THR B 305 29.39 4.02 -3.83
N PRO B 306 28.97 3.03 -4.59
CA PRO B 306 29.22 1.64 -4.21
C PRO B 306 30.70 1.27 -4.37
N GLN B 307 31.24 0.52 -3.43
CA GLN B 307 32.62 0.04 -3.48
C GLN B 307 32.77 -1.34 -4.11
N PHE B 308 31.76 -2.21 -4.03
CA PHE B 308 31.86 -3.61 -4.47
C PHE B 308 31.19 -3.77 -5.80
N THR B 309 31.79 -3.20 -6.83
CA THR B 309 31.14 -3.19 -8.14
C THR B 309 31.60 -4.36 -9.00
N ASP B 310 32.63 -5.10 -8.55
CA ASP B 310 33.08 -6.31 -9.21
C ASP B 310 32.30 -7.51 -8.72
N PHE B 311 31.24 -7.88 -9.42
CA PHE B 311 30.38 -8.99 -8.95
C PHE B 311 31.14 -10.30 -8.87
N SER B 312 32.03 -10.56 -9.83
CA SER B 312 32.76 -11.81 -9.82
C SER B 312 33.58 -11.96 -8.53
N GLU B 313 34.24 -10.87 -8.13
CA GLU B 313 35.03 -10.85 -6.91
C GLU B 313 34.13 -10.93 -5.66
N GLY B 314 33.03 -10.18 -5.65
CA GLY B 314 32.12 -10.25 -4.52
C GLY B 314 31.55 -11.65 -4.37
N LEU B 315 31.19 -12.28 -5.48
CA LEU B 315 30.65 -13.62 -5.44
C LEU B 315 31.70 -14.65 -4.96
N GLU B 316 32.95 -14.51 -5.39
CA GLU B 316 34.03 -15.37 -4.91
C GLU B 316 34.11 -15.31 -3.39
N GLU B 317 34.04 -14.08 -2.85
CA GLU B 317 34.18 -13.89 -1.39
C GLU B 317 32.99 -14.45 -0.67
N THR B 318 31.82 -14.34 -1.27
CA THR B 318 30.64 -14.92 -0.72
C THR B 318 30.69 -16.43 -0.70
N ILE B 319 31.14 -17.00 -1.81
CA ILE B 319 31.31 -18.44 -1.87
C ILE B 319 32.24 -18.87 -0.76
N GLN B 320 33.35 -18.14 -0.60
CA GLN B 320 34.34 -18.52 0.40
C GLN B 320 33.71 -18.44 1.80
N TRP B 321 32.83 -17.44 2.01
CA TRP B 321 32.23 -17.26 3.30
C TRP B 321 31.36 -18.47 3.65
N TYR B 322 30.55 -18.93 2.71
CA TYR B 322 29.65 -20.08 2.99
C TYR B 322 30.42 -21.36 3.15
N THR B 323 31.54 -21.44 2.45
CA THR B 323 32.42 -22.59 2.54
C THR B 323 33.12 -22.62 3.90
N ASP B 324 33.52 -21.44 4.41
CA ASP B 324 34.25 -21.31 5.69
C ASP B 324 33.31 -21.31 6.91
N ASN B 325 32.01 -21.21 6.69
CA ASN B 325 31.03 -21.06 7.76
C ASN B 325 29.93 -22.08 7.63
N GLN B 326 30.31 -23.34 7.37
CA GLN B 326 29.29 -24.35 7.13
C GLN B 326 28.46 -24.65 8.38
N ASP B 327 29.08 -24.51 9.55
CA ASP B 327 28.35 -24.68 10.77
C ASP B 327 27.24 -23.63 10.95
N TRP B 328 27.36 -22.50 10.28
CA TRP B 328 26.30 -21.48 10.34
C TRP B 328 25.00 -21.86 9.63
N TRP B 329 25.08 -22.68 8.58
CA TRP B 329 23.90 -23.08 7.82
C TRP B 329 23.56 -24.57 7.72
N LYS B 330 24.50 -25.47 8.09
CA LYS B 330 24.30 -26.88 7.75
C LYS B 330 23.02 -27.46 8.37
N ALA B 331 22.65 -27.03 9.57
CA ALA B 331 21.50 -27.62 10.26
C ALA B 331 20.16 -27.17 9.68
N GLU B 332 20.17 -26.08 8.92
CA GLU B 332 18.94 -25.58 8.32
C GLU B 332 18.70 -26.16 6.91
N LYS B 333 19.72 -26.73 6.27
CA LYS B 333 19.64 -27.18 4.88
C LYS B 333 18.45 -28.16 4.57
N GLU B 334 18.40 -29.24 5.34
CA GLU B 334 17.41 -30.26 5.05
C GLU B 334 16.00 -29.68 5.07
N ALA B 335 15.71 -28.81 6.04
CA ALA B 335 14.37 -28.31 6.22
C ALA B 335 14.02 -27.33 5.08
N VAL B 336 14.99 -26.54 4.65
CA VAL B 336 14.74 -25.56 3.58
C VAL B 336 14.51 -26.25 2.24
N GLU B 337 15.29 -27.31 1.96
CA GLU B 337 15.10 -28.06 0.74
C GLU B 337 13.76 -28.84 0.80
N ALA B 338 13.41 -29.36 1.96
CA ALA B 338 12.16 -30.08 2.13
C ALA B 338 10.99 -29.13 1.89
N ASN B 339 11.10 -27.92 2.38
CA ASN B 339 9.97 -26.99 2.22
C ASN B 339 9.79 -26.66 0.73
N TYR B 340 10.91 -26.43 0.04
CA TYR B 340 10.86 -26.19 -1.39
C TYR B 340 10.27 -27.38 -2.17
N ALA B 341 10.55 -28.59 -1.72
CA ALA B 341 10.07 -29.78 -2.44
C ALA B 341 8.53 -29.87 -2.47
N LYS B 342 7.87 -29.22 -1.51
CA LYS B 342 6.42 -29.25 -1.45
C LYS B 342 5.82 -28.55 -2.67
N THR B 343 6.51 -27.55 -3.24
CA THR B 343 6.00 -26.77 -4.37
C THR B 343 6.88 -26.76 -5.63
N GLN B 344 8.08 -27.38 -5.60
CA GLN B 344 9.01 -27.34 -6.73
C GLN B 344 9.36 -28.76 -7.14
N GLU B 345 9.24 -29.04 -8.43
CA GLU B 345 9.69 -30.29 -9.05
C GLU B 345 10.70 -29.98 -10.16
N VAL B 346 11.56 -30.95 -10.48
CA VAL B 346 12.45 -30.83 -11.62
C VAL B 346 11.61 -30.82 -12.90
N ILE B 347 11.88 -29.88 -13.80
CA ILE B 347 11.22 -29.81 -15.09
C ILE B 347 12.23 -29.90 -16.25
N LYS B 348 13.44 -29.77 -16.00
#